data_8X0W
#
_entry.id   8X0W
#
_cell.length_a   1.00
_cell.length_b   1.00
_cell.length_c   1.00
_cell.angle_alpha   90.00
_cell.angle_beta   90.00
_cell.angle_gamma   90.00
#
_symmetry.space_group_name_H-M   'P 1'
#
loop_
_entity.id
_entity.type
_entity.pdbx_description
1 polymer 'Amino acid transporter heavy chain SLC3A2'
2 polymer 'Large neutral amino acids transporter small subunit 1'
3 branched 2-acetamido-2-deoxy-beta-D-glucopyranose-(1-4)-2-acetamido-2-deoxy-beta-D-glucopyranose
4 non-polymer LEUCINE
#
loop_
_entity_poly.entity_id
_entity_poly.type
_entity_poly.pdbx_seq_one_letter_code
_entity_poly.pdbx_strand_id
1 'polypeptide(L)'
;FTGLSKEELLKVAGSPGWVRTRWALLLLFWLGWLGMLAGAVVIIVRAPRCRELPAQKWWHTGALYRIGDLQAFQGHGAGN
LAGLKGRLDYLSSLKVKGLVLGPIHKNQKDDVAQTDLLQIDPNFGSKEDFDSLLQSAKKKSIRVILDLTPNYRGENSWFS
TQVDTVATKVKDALEFWLQAGVDGFQVRDIENLKDASSFLAEWQNITKGFSEDRLLIAGTNSSDLQQILSLLESNKDLLL
TSSYLSDSGSTGEHTKSLVTQYLNATGNRWCSWSLSQARLLTSFLPAQLLRLYQLMLFTLPGTPVFSYGDEIGLDAAALP
GQPMEAPVMLWDESSFPDIPGAVSANMTVKGQSEDPGSLLSLFRRLSDQRSKERSLLHGDFHAFSAGPGLFSYIRHWDQN
ERFLVVLNFGDVGLSAGLQASDLPASASLPAKADLLLSTQPGREEGSPLELERLKLEPHEGLLLRFPYAA
;
A
2 'polypeptide(L)'
;VTLQRNITLLNGVAIIVGTIIGSGIFVTPTGVLKEAGSPGLALVVWAACGVFSIVGALCYAELGTTISKSGGDYAYMLEV
YGSLPAFLKLWIELLIIRPSSQYIVALVFATYLLKPLFPTCPVPEEAAKLVACLCVLLLTAVNCYSVKAATRVQDAFAAA
KLLALALIILLGFVQIGKGDVSNLDPNFSFEGTKLDVGNIVLALYSGLFAYGGWNYLNFVTEEMINPYRNLPLAIIISLP
IVTLVYVLTNLAYFTTLSTEQMLSSEAVAVDFGNYHLGVMSWIIPVFVGLSCFGSVNGSLFTSSRLFFVGSREGHLPSIL
SMIHPQLLTPVPSLVFTCVMTLLYAFSKDIFSVINFFSFFNWLCVALAIIGMIWLRHRKPELERPIKVNLALPVFFILAC
LFLIAVSFWKTPVECGIGFTIILSGLPVYFFGVWWKNKPKWLLQGIFSTTVLCQKLMQVVPQET
;
B
#
loop_
_chem_comp.id
_chem_comp.type
_chem_comp.name
_chem_comp.formula
NAG D-saccharide, beta linking 2-acetamido-2-deoxy-beta-D-glucopyranose 'C8 H15 N O6'
#
# COMPACT_ATOMS: atom_id res chain seq x y z
N PHE A 1 22.94 -22.63 -42.18
CA PHE A 1 22.25 -22.96 -43.42
C PHE A 1 22.14 -21.75 -44.32
N THR A 2 22.23 -20.56 -43.73
CA THR A 2 22.16 -19.29 -44.45
C THR A 2 23.38 -18.43 -44.09
N GLY A 3 24.55 -19.04 -44.14
CA GLY A 3 25.77 -18.32 -43.81
C GLY A 3 26.98 -19.23 -43.92
N LEU A 4 28.11 -18.70 -43.47
CA LEU A 4 29.36 -19.44 -43.54
C LEU A 4 29.34 -20.63 -42.60
N SER A 5 30.02 -21.70 -43.00
CA SER A 5 30.13 -22.91 -42.20
C SER A 5 31.23 -22.70 -41.15
N LYS A 6 31.55 -23.76 -40.41
CA LYS A 6 32.58 -23.66 -39.38
C LYS A 6 33.96 -23.44 -40.00
N GLU A 7 34.33 -24.25 -40.99
CA GLU A 7 35.64 -24.12 -41.61
C GLU A 7 35.78 -22.79 -42.34
N GLU A 8 34.71 -22.35 -43.00
CA GLU A 8 34.77 -21.06 -43.70
C GLU A 8 35.00 -19.91 -42.74
N LEU A 9 34.30 -19.92 -41.59
CA LEU A 9 34.53 -18.90 -40.58
C LEU A 9 35.95 -18.99 -40.03
N LEU A 10 36.43 -20.20 -39.79
CA LEU A 10 37.79 -20.36 -39.26
C LEU A 10 38.82 -19.79 -40.22
N LYS A 11 38.63 -20.02 -41.52
CA LYS A 11 39.58 -19.49 -42.51
C LYS A 11 39.46 -17.98 -42.64
N VAL A 12 38.23 -17.45 -42.68
CA VAL A 12 38.04 -16.04 -42.95
C VAL A 12 38.33 -15.20 -41.72
N ALA A 13 37.67 -15.50 -40.61
CA ALA A 13 37.80 -14.70 -39.40
C ALA A 13 39.04 -15.07 -38.61
N GLY A 14 40.20 -15.07 -39.26
CA GLY A 14 41.44 -15.38 -38.60
C GLY A 14 42.42 -14.23 -38.61
N SER A 15 42.05 -13.13 -39.27
CA SER A 15 42.93 -11.98 -39.34
C SER A 15 43.06 -11.32 -37.97
N PRO A 16 44.24 -10.79 -37.66
CA PRO A 16 44.40 -10.09 -36.36
C PRO A 16 43.47 -8.91 -36.19
N GLY A 17 43.10 -8.24 -37.29
CA GLY A 17 42.21 -7.09 -37.16
C GLY A 17 40.88 -7.47 -36.54
N TRP A 18 40.35 -8.65 -36.89
CA TRP A 18 39.05 -9.05 -36.36
C TRP A 18 39.12 -9.31 -34.85
N VAL A 19 40.16 -10.00 -34.39
CA VAL A 19 40.27 -10.24 -32.95
C VAL A 19 40.53 -8.94 -32.20
N ARG A 20 41.30 -8.02 -32.81
CA ARG A 20 41.47 -6.71 -32.19
C ARG A 20 40.15 -5.97 -32.09
N THR A 21 39.32 -6.05 -33.13
CA THR A 21 38.01 -5.41 -33.09
C THR A 21 37.14 -6.01 -32.00
N ARG A 22 37.16 -7.34 -31.86
CA ARG A 22 36.37 -7.98 -30.81
C ARG A 22 36.85 -7.55 -29.43
N TRP A 23 38.17 -7.50 -29.22
CA TRP A 23 38.71 -7.06 -27.94
C TRP A 23 38.31 -5.61 -27.65
N ALA A 24 38.39 -4.75 -28.66
CA ALA A 24 38.02 -3.35 -28.47
C ALA A 24 36.53 -3.22 -28.15
N LEU A 25 35.68 -4.01 -28.81
CA LEU A 25 34.25 -3.97 -28.52
C LEU A 25 33.95 -4.41 -27.09
N LEU A 26 34.62 -5.48 -26.64
CA LEU A 26 34.43 -5.94 -25.26
C LEU A 26 34.87 -4.88 -24.26
N LEU A 27 36.03 -4.26 -24.51
CA LEU A 27 36.50 -3.21 -23.62
C LEU A 27 35.54 -2.02 -23.62
N LEU A 28 35.03 -1.65 -24.79
CA LEU A 28 34.09 -0.53 -24.88
C LEU A 28 32.82 -0.84 -24.09
N PHE A 29 32.32 -2.07 -24.18
CA PHE A 29 31.14 -2.46 -23.41
C PHE A 29 31.41 -2.34 -21.91
N TRP A 30 32.57 -2.82 -21.46
CA TRP A 30 32.86 -2.79 -20.02
C TRP A 30 32.99 -1.35 -19.52
N LEU A 31 33.70 -0.49 -20.27
CA LEU A 31 33.81 0.91 -19.85
C LEU A 31 32.46 1.61 -19.91
N GLY A 32 31.61 1.25 -20.87
CA GLY A 32 30.27 1.83 -20.90
C GLY A 32 29.46 1.44 -19.67
N TRP A 33 29.56 0.17 -19.26
CA TRP A 33 28.88 -0.26 -18.03
C TRP A 33 29.41 0.49 -16.82
N LEU A 34 30.74 0.66 -16.74
CA LEU A 34 31.32 1.40 -15.62
C LEU A 34 30.85 2.85 -15.62
N GLY A 35 30.79 3.47 -16.79
CA GLY A 35 30.30 4.85 -16.86
C GLY A 35 28.84 4.97 -16.46
N MET A 36 28.02 3.99 -16.84
CA MET A 36 26.63 3.99 -16.42
C MET A 36 26.52 3.87 -14.90
N LEU A 37 27.33 3.00 -14.29
CA LEU A 37 27.34 2.89 -12.84
C LEU A 37 27.76 4.19 -12.18
N ALA A 38 28.79 4.84 -12.73
CA ALA A 38 29.24 6.11 -12.18
C ALA A 38 28.16 7.18 -12.29
N GLY A 39 27.46 7.23 -13.42
CA GLY A 39 26.37 8.17 -13.56
C GLY A 39 25.24 7.91 -12.58
N ALA A 40 24.93 6.63 -12.34
CA ALA A 40 23.91 6.29 -11.35
C ALA A 40 24.33 6.76 -9.96
N VAL A 41 25.61 6.54 -9.60
CA VAL A 41 26.10 7.00 -8.31
C VAL A 41 26.00 8.52 -8.20
N VAL A 42 26.36 9.23 -9.27
CA VAL A 42 26.31 10.69 -9.27
C VAL A 42 24.88 11.17 -9.09
N ILE A 43 23.92 10.56 -9.79
CA ILE A 43 22.53 10.96 -9.63
C ILE A 43 22.00 10.58 -8.26
N ILE A 44 22.57 9.56 -7.61
CA ILE A 44 22.15 9.21 -6.26
C ILE A 44 22.61 10.27 -5.27
N VAL A 45 23.90 10.63 -5.33
CA VAL A 45 24.44 11.54 -4.33
C VAL A 45 23.87 12.94 -4.48
N ARG A 46 23.65 13.39 -5.71
CA ARG A 46 23.10 14.74 -5.96
C ARG A 46 21.57 14.68 -5.96
N ALA A 47 21.01 14.48 -4.77
CA ALA A 47 19.57 14.39 -4.63
C ALA A 47 19.17 14.79 -3.22
N PRO A 48 18.07 15.50 -3.04
CA PRO A 48 17.63 15.84 -1.68
C PRO A 48 17.25 14.60 -0.90
N ARG A 49 17.47 14.66 0.41
CA ARG A 49 17.21 13.55 1.31
C ARG A 49 15.85 13.69 1.98
N CYS A 50 15.36 12.59 2.54
CA CYS A 50 14.16 12.63 3.35
C CYS A 50 14.38 13.52 4.57
N ARG A 51 13.32 14.21 4.99
CA ARG A 51 13.49 15.27 5.99
C ARG A 51 13.72 14.69 7.39
N GLU A 52 12.72 14.02 7.96
CA GLU A 52 12.79 13.54 9.33
C GLU A 52 11.51 12.77 9.63
N LEU A 53 11.50 12.14 10.80
CA LEU A 53 10.29 11.54 11.37
C LEU A 53 10.00 12.18 12.71
N PRO A 54 8.93 12.96 12.85
CA PRO A 54 8.68 13.65 14.13
C PRO A 54 8.43 12.71 15.30
N ALA A 55 8.05 11.45 15.04
CA ALA A 55 7.76 10.48 16.08
C ALA A 55 6.69 10.99 17.04
N GLN A 56 5.51 11.24 16.47
CA GLN A 56 4.41 11.81 17.23
C GLN A 56 3.84 10.79 18.22
N LYS A 57 3.15 11.29 19.23
CA LYS A 57 2.54 10.45 20.25
C LYS A 57 1.22 9.88 19.72
N TRP A 58 0.53 9.15 20.59
CA TRP A 58 -0.73 8.52 20.19
C TRP A 58 -1.83 9.56 19.97
N TRP A 59 -1.85 10.62 20.78
CA TRP A 59 -2.90 11.62 20.67
C TRP A 59 -2.66 12.64 19.57
N HIS A 60 -1.52 12.57 18.90
CA HIS A 60 -1.28 13.43 17.74
C HIS A 60 -1.92 12.87 16.47
N THR A 61 -2.49 11.67 16.53
CA THR A 61 -2.97 11.01 15.31
C THR A 61 -4.38 11.46 14.94
N GLY A 62 -5.29 11.49 15.90
CA GLY A 62 -6.67 11.82 15.59
C GLY A 62 -7.34 12.75 16.58
N ALA A 63 -8.66 12.84 16.51
CA ALA A 63 -9.43 13.74 17.35
C ALA A 63 -9.67 13.12 18.72
N LEU A 64 -10.31 13.90 19.60
CA LEU A 64 -10.67 13.45 20.93
C LEU A 64 -12.16 13.64 21.14
N TYR A 65 -12.77 12.73 21.90
CA TYR A 65 -14.20 12.73 22.13
C TYR A 65 -14.48 12.94 23.61
N ARG A 66 -15.36 13.88 23.93
CA ARG A 66 -15.72 14.22 25.30
C ARG A 66 -17.10 13.67 25.60
N ILE A 67 -17.14 12.53 26.30
CA ILE A 67 -18.42 11.92 26.64
C ILE A 67 -19.19 12.79 27.63
N GLY A 68 -18.51 13.28 28.66
CA GLY A 68 -19.20 14.06 29.67
C GLY A 68 -20.16 13.19 30.46
N ASP A 69 -21.42 13.61 30.54
CA ASP A 69 -22.43 12.83 31.23
C ASP A 69 -22.73 11.54 30.49
N LEU A 70 -23.00 10.49 31.25
CA LEU A 70 -23.27 9.17 30.70
C LEU A 70 -24.76 8.91 30.48
N GLN A 71 -25.62 9.44 31.35
CA GLN A 71 -27.05 9.20 31.21
C GLN A 71 -27.60 9.79 29.92
N ALA A 72 -27.17 11.01 29.58
CA ALA A 72 -27.65 11.64 28.36
C ALA A 72 -27.08 10.96 27.11
N PHE A 73 -25.84 10.46 27.20
CA PHE A 73 -25.19 9.88 26.03
C PHE A 73 -25.90 8.62 25.56
N GLN A 74 -26.28 7.74 26.50
CA GLN A 74 -26.88 6.46 26.16
C GLN A 74 -28.35 6.38 26.56
N GLY A 75 -28.97 7.50 26.91
CA GLY A 75 -30.36 7.50 27.26
C GLY A 75 -30.64 6.75 28.56
N HIS A 76 -31.86 6.20 28.64
CA HIS A 76 -32.24 5.42 29.81
C HIS A 76 -31.46 4.12 29.89
N GLY A 77 -31.23 3.65 31.11
CA GLY A 77 -30.44 2.46 31.31
C GLY A 77 -28.95 2.66 31.16
N ALA A 78 -28.47 3.90 31.17
CA ALA A 78 -27.06 4.21 30.99
C ALA A 78 -26.29 4.24 32.30
N GLY A 79 -26.92 3.84 33.41
CA GLY A 79 -26.22 3.85 34.69
C GLY A 79 -24.98 2.97 34.67
N ASN A 80 -25.13 1.75 34.19
CA ASN A 80 -23.98 0.86 34.08
C ASN A 80 -23.03 1.35 32.99
N LEU A 81 -21.75 1.46 33.33
CA LEU A 81 -20.75 1.89 32.37
C LEU A 81 -20.33 0.79 31.41
N ALA A 82 -20.50 -0.48 31.79
CA ALA A 82 -20.13 -1.57 30.89
C ALA A 82 -20.99 -1.57 29.63
N GLY A 83 -22.17 -0.95 29.69
CA GLY A 83 -22.99 -0.80 28.50
C GLY A 83 -22.36 0.06 27.43
N LEU A 84 -21.38 0.89 27.80
CA LEU A 84 -20.66 1.69 26.82
C LEU A 84 -19.85 0.83 25.87
N LYS A 85 -19.55 -0.42 26.25
CA LYS A 85 -18.85 -1.33 25.35
C LYS A 85 -19.66 -1.59 24.08
N GLY A 86 -21.00 -1.58 24.20
CA GLY A 86 -21.83 -1.73 23.03
C GLY A 86 -21.80 -0.51 22.12
N ARG A 87 -21.33 0.62 22.64
CA ARG A 87 -21.18 1.83 21.84
C ARG A 87 -19.78 1.98 21.25
N LEU A 88 -18.86 1.07 21.54
CA LEU A 88 -17.48 1.22 21.08
C LEU A 88 -17.39 1.07 19.56
N ASP A 89 -18.29 0.28 18.97
CA ASP A 89 -18.30 0.15 17.51
C ASP A 89 -18.63 1.48 16.85
N TYR A 90 -19.52 2.27 17.46
CA TYR A 90 -19.82 3.60 16.95
C TYR A 90 -18.56 4.47 16.96
N LEU A 91 -17.80 4.42 18.04
CA LEU A 91 -16.57 5.21 18.12
C LEU A 91 -15.55 4.74 17.09
N SER A 92 -15.44 3.42 16.90
CA SER A 92 -14.56 2.90 15.86
C SER A 92 -14.98 3.38 14.47
N SER A 93 -16.28 3.45 14.22
CA SER A 93 -16.77 4.04 12.98
C SER A 93 -16.36 5.51 12.89
N LEU A 94 -16.45 6.24 14.00
CA LEU A 94 -15.96 7.61 14.06
C LEU A 94 -14.44 7.69 14.08
N LYS A 95 -13.76 6.55 14.24
CA LYS A 95 -12.30 6.44 14.28
C LYS A 95 -11.65 7.58 15.07
N VAL A 96 -12.08 7.69 16.32
CA VAL A 96 -11.47 8.63 17.26
C VAL A 96 -10.37 7.89 18.03
N LYS A 97 -9.29 8.61 18.33
CA LYS A 97 -8.14 8.02 19.00
C LYS A 97 -8.14 8.24 20.51
N GLY A 98 -9.20 8.84 21.06
CA GLY A 98 -9.26 9.10 22.48
C GLY A 98 -10.69 9.16 22.97
N LEU A 99 -10.84 9.30 24.28
CA LEU A 99 -12.15 9.38 24.91
C LEU A 99 -12.00 10.08 26.25
N VAL A 100 -12.56 11.28 26.36
CA VAL A 100 -12.59 12.00 27.63
C VAL A 100 -13.85 11.57 28.38
N LEU A 101 -13.66 10.94 29.53
CA LEU A 101 -14.76 10.39 30.31
C LEU A 101 -15.06 11.30 31.49
N GLY A 102 -16.35 11.42 31.81
CA GLY A 102 -16.79 12.32 32.84
C GLY A 102 -16.36 11.91 34.24
N PRO A 103 -16.53 12.81 35.21
CA PRO A 103 -16.12 12.49 36.58
C PRO A 103 -16.99 11.39 37.18
N ILE A 104 -16.33 10.40 37.77
CA ILE A 104 -17.00 9.27 38.42
C ILE A 104 -16.73 9.21 39.91
N HIS A 105 -15.76 9.96 40.41
CA HIS A 105 -15.41 9.90 41.82
C HIS A 105 -16.58 10.34 42.70
N LYS A 106 -16.66 9.76 43.89
CA LYS A 106 -17.72 10.09 44.83
C LYS A 106 -17.64 11.56 45.23
N ASN A 107 -18.79 12.24 45.22
CA ASN A 107 -18.85 13.65 45.58
C ASN A 107 -20.28 13.99 45.94
N GLN A 108 -20.50 14.38 47.20
CA GLN A 108 -21.83 14.78 47.67
C GLN A 108 -21.90 16.30 47.69
N LYS A 109 -22.15 16.88 46.51
CA LYS A 109 -22.30 18.33 46.31
C LYS A 109 -21.01 18.99 46.75
N ASP A 110 -21.01 19.84 47.77
CA ASP A 110 -19.83 20.58 48.19
C ASP A 110 -19.13 19.96 49.40
N ASP A 111 -19.51 18.75 49.79
CA ASP A 111 -18.91 18.11 50.96
C ASP A 111 -17.49 17.68 50.60
N VAL A 112 -16.51 18.46 51.06
CA VAL A 112 -15.11 18.14 50.80
C VAL A 112 -14.72 16.84 51.47
N ALA A 113 -15.15 16.65 52.72
CA ALA A 113 -14.85 15.41 53.43
C ALA A 113 -15.50 14.22 52.75
N GLN A 114 -16.74 14.37 52.29
CA GLN A 114 -17.45 13.31 51.58
C GLN A 114 -17.17 13.40 50.07
N THR A 115 -15.87 13.27 49.74
CA THR A 115 -15.44 13.33 48.35
C THR A 115 -14.17 12.48 48.24
N ASP A 116 -14.32 11.27 47.73
CA ASP A 116 -13.21 10.34 47.54
C ASP A 116 -12.88 10.26 46.06
N LEU A 117 -11.60 10.44 45.73
CA LEU A 117 -11.14 10.33 44.36
C LEU A 117 -10.87 8.89 43.94
N LEU A 118 -11.04 7.93 44.85
CA LEU A 118 -10.81 6.52 44.56
C LEU A 118 -12.08 5.69 44.56
N GLN A 119 -13.22 6.26 44.94
CA GLN A 119 -14.48 5.53 45.05
C GLN A 119 -15.29 5.76 43.78
N ILE A 120 -15.62 4.67 43.08
CA ILE A 120 -16.49 4.75 41.91
C ILE A 120 -17.93 4.82 42.38
N ASP A 121 -18.71 5.70 41.77
CA ASP A 121 -20.09 5.90 42.18
C ASP A 121 -20.90 4.63 41.93
N PRO A 122 -21.71 4.18 42.88
CA PRO A 122 -22.48 2.93 42.66
C PRO A 122 -23.41 3.00 41.47
N ASN A 123 -23.99 4.17 41.19
CA ASN A 123 -24.88 4.29 40.04
C ASN A 123 -24.13 4.14 38.72
N PHE A 124 -22.83 4.43 38.72
CA PHE A 124 -22.06 4.34 37.49
C PHE A 124 -21.56 2.93 37.22
N GLY A 125 -21.23 2.19 38.26
CA GLY A 125 -20.78 0.82 38.09
C GLY A 125 -19.80 0.44 39.19
N SER A 126 -18.87 -0.46 38.83
CA SER A 126 -17.90 -1.00 39.76
C SER A 126 -16.52 -1.00 39.12
N LYS A 127 -15.51 -1.35 39.94
CA LYS A 127 -14.13 -1.36 39.45
C LYS A 127 -13.91 -2.43 38.39
N GLU A 128 -14.54 -3.60 38.56
CA GLU A 128 -14.35 -4.68 37.59
C GLU A 128 -14.89 -4.30 36.22
N ASP A 129 -16.06 -3.63 36.19
CA ASP A 129 -16.58 -3.16 34.91
C ASP A 129 -15.68 -2.10 34.30
N PHE A 130 -15.08 -1.25 35.13
CA PHE A 130 -14.12 -0.28 34.61
C PHE A 130 -12.92 -0.96 33.98
N ASP A 131 -12.40 -2.00 34.63
CA ASP A 131 -11.27 -2.74 34.07
C ASP A 131 -11.66 -3.44 32.77
N SER A 132 -12.88 -3.99 32.72
CA SER A 132 -13.35 -4.61 31.49
C SER A 132 -13.47 -3.59 30.37
N LEU A 133 -13.96 -2.39 30.68
CA LEU A 133 -14.02 -1.33 29.68
C LEU A 133 -12.64 -0.95 29.19
N LEU A 134 -11.67 -0.85 30.11
CA LEU A 134 -10.31 -0.52 29.71
C LEU A 134 -9.72 -1.60 28.80
N GLN A 135 -9.95 -2.87 29.14
CA GLN A 135 -9.45 -3.96 28.32
C GLN A 135 -10.09 -3.96 26.93
N SER A 136 -11.40 -3.73 26.87
CA SER A 136 -12.07 -3.68 25.57
C SER A 136 -11.58 -2.50 24.74
N ALA A 137 -11.36 -1.35 25.38
CA ALA A 137 -10.84 -0.20 24.66
C ALA A 137 -9.44 -0.45 24.13
N LYS A 138 -8.60 -1.09 24.94
CA LYS A 138 -7.25 -1.44 24.48
C LYS A 138 -7.31 -2.41 23.31
N LYS A 139 -8.24 -3.38 23.37
CA LYS A 139 -8.42 -4.29 22.24
C LYS A 139 -8.86 -3.53 20.99
N LYS A 140 -9.76 -2.55 21.15
CA LYS A 140 -10.21 -1.74 20.04
C LYS A 140 -9.27 -0.59 19.71
N SER A 141 -8.21 -0.40 20.51
CA SER A 141 -7.20 0.64 20.29
C SER A 141 -7.82 2.04 20.43
N ILE A 142 -8.50 2.26 21.56
CA ILE A 142 -8.98 3.58 21.94
C ILE A 142 -8.53 3.86 23.36
N ARG A 143 -7.85 4.99 23.55
CA ARG A 143 -7.38 5.35 24.88
C ARG A 143 -8.52 5.98 25.69
N VAL A 144 -8.30 6.05 27.00
CA VAL A 144 -9.32 6.55 27.93
C VAL A 144 -8.72 7.66 28.76
N ILE A 145 -9.41 8.80 28.82
CA ILE A 145 -9.02 9.93 29.66
C ILE A 145 -10.12 10.16 30.68
N LEU A 146 -9.74 10.25 31.95
CA LEU A 146 -10.69 10.39 33.05
C LEU A 146 -10.55 11.75 33.70
N ASP A 147 -11.68 12.39 33.98
CA ASP A 147 -11.71 13.72 34.58
C ASP A 147 -11.69 13.61 36.10
N LEU A 148 -11.01 14.55 36.74
CA LEU A 148 -10.89 14.57 38.19
C LEU A 148 -11.31 15.90 38.79
N THR A 149 -12.40 16.47 38.31
CA THR A 149 -12.91 17.71 38.90
C THR A 149 -13.35 17.42 40.33
N PRO A 150 -12.81 18.11 41.33
CA PRO A 150 -13.18 17.80 42.72
C PRO A 150 -14.66 17.97 43.00
N ASN A 151 -15.31 18.93 42.36
CA ASN A 151 -16.73 19.19 42.56
C ASN A 151 -17.40 19.35 41.20
N TYR A 152 -17.88 18.23 40.66
CA TYR A 152 -18.62 18.25 39.41
C TYR A 152 -20.12 18.39 39.62
N ARG A 153 -20.56 18.54 40.86
CA ARG A 153 -21.97 18.73 41.19
C ARG A 153 -22.27 20.11 41.75
N GLY A 154 -21.38 20.66 42.57
CA GLY A 154 -21.59 21.98 43.13
C GLY A 154 -21.24 23.10 42.18
N GLU A 155 -21.60 24.32 42.58
CA GLU A 155 -21.31 25.48 41.75
C GLU A 155 -19.82 25.77 41.69
N ASN A 156 -19.10 25.59 42.79
CA ASN A 156 -17.67 25.81 42.84
C ASN A 156 -16.97 24.48 42.62
N SER A 157 -16.23 24.37 41.50
CA SER A 157 -15.61 23.11 41.12
C SER A 157 -14.37 22.78 41.96
N TRP A 158 -13.83 23.73 42.72
CA TRP A 158 -12.61 23.51 43.49
C TRP A 158 -12.84 23.56 44.99
N PHE A 159 -14.07 23.35 45.43
CA PHE A 159 -14.41 23.25 46.85
C PHE A 159 -14.09 24.53 47.62
N SER A 160 -14.04 25.67 46.91
CA SER A 160 -13.90 27.00 47.51
C SER A 160 -12.61 27.06 48.31
N THR A 161 -12.66 27.19 49.64
CA THR A 161 -11.45 27.47 50.42
C THR A 161 -10.48 26.29 50.39
N GLN A 162 -10.99 25.06 50.47
CA GLN A 162 -10.14 23.89 50.57
C GLN A 162 -9.24 23.75 49.35
N VAL A 163 -7.93 23.93 49.55
CA VAL A 163 -6.96 23.89 48.46
C VAL A 163 -5.88 22.84 48.72
N ASP A 164 -5.35 22.77 49.93
CA ASP A 164 -4.26 21.83 50.21
C ASP A 164 -4.75 20.39 50.22
N THR A 165 -5.87 20.12 50.90
CA THR A 165 -6.37 18.76 51.01
C THR A 165 -6.77 18.19 49.65
N VAL A 166 -7.45 19.01 48.83
CA VAL A 166 -7.85 18.53 47.51
C VAL A 166 -6.61 18.33 46.64
N ALA A 167 -5.63 19.20 46.76
CA ALA A 167 -4.39 19.01 45.99
C ALA A 167 -3.72 17.70 46.36
N THR A 168 -3.63 17.40 47.66
CA THR A 168 -3.02 16.14 48.09
C THR A 168 -3.83 14.93 47.63
N LYS A 169 -5.16 15.01 47.70
CA LYS A 169 -5.97 13.86 47.33
C LYS A 169 -5.89 13.60 45.83
N VAL A 170 -5.90 14.64 45.00
CA VAL A 170 -5.72 14.41 43.56
C VAL A 170 -4.29 14.00 43.24
N LYS A 171 -3.32 14.44 44.03
CA LYS A 171 -1.94 13.97 43.83
C LYS A 171 -1.85 12.46 44.07
N ASP A 172 -2.49 11.99 45.14
CA ASP A 172 -2.51 10.54 45.39
C ASP A 172 -3.30 9.81 44.30
N ALA A 173 -4.45 10.36 43.90
CA ALA A 173 -5.24 9.73 42.84
C ALA A 173 -4.49 9.67 41.53
N LEU A 174 -3.56 10.60 41.30
CA LEU A 174 -2.69 10.53 40.13
C LEU A 174 -2.02 9.16 40.03
N GLU A 175 -1.21 8.81 41.03
CA GLU A 175 -0.53 7.52 41.02
C GLU A 175 -1.53 6.37 41.09
N PHE A 176 -2.60 6.52 41.86
CA PHE A 176 -3.57 5.44 42.00
C PHE A 176 -4.17 5.05 40.65
N TRP A 177 -4.66 6.04 39.90
CA TRP A 177 -5.26 5.74 38.61
C TRP A 177 -4.20 5.42 37.56
N LEU A 178 -2.99 5.96 37.70
CA LEU A 178 -1.93 5.62 36.76
C LEU A 178 -1.55 4.15 36.85
N GLN A 179 -1.44 3.63 38.08
CA GLN A 179 -1.24 2.19 38.24
C GLN A 179 -2.51 1.40 37.97
N ALA A 180 -3.68 2.04 38.06
CA ALA A 180 -4.91 1.37 37.65
C ALA A 180 -4.90 1.06 36.16
N GLY A 181 -4.35 1.98 35.35
CA GLY A 181 -4.23 1.74 33.92
C GLY A 181 -4.87 2.79 33.04
N VAL A 182 -5.02 4.01 33.55
CA VAL A 182 -5.57 5.11 32.76
C VAL A 182 -4.50 5.60 31.79
N ASP A 183 -4.92 6.39 30.80
CA ASP A 183 -4.01 6.90 29.78
C ASP A 183 -3.87 8.41 29.78
N GLY A 184 -4.55 9.12 30.68
CA GLY A 184 -4.45 10.55 30.74
C GLY A 184 -5.49 11.14 31.67
N PHE A 185 -5.26 12.40 32.03
CA PHE A 185 -6.07 13.09 33.02
C PHE A 185 -6.60 14.41 32.46
N GLN A 186 -7.66 14.91 33.07
CA GLN A 186 -8.27 16.16 32.67
C GLN A 186 -8.82 16.89 33.88
N VAL A 187 -8.59 18.20 33.94
CA VAL A 187 -9.14 19.06 34.97
C VAL A 187 -9.80 20.26 34.31
N ARG A 188 -10.71 20.89 35.04
CA ARG A 188 -11.48 22.02 34.52
C ARG A 188 -11.58 23.11 35.56
N ASP A 189 -11.98 24.30 35.10
CA ASP A 189 -12.17 25.47 35.95
C ASP A 189 -10.90 25.82 36.72
N ILE A 190 -9.76 25.74 36.03
CA ILE A 190 -8.49 26.07 36.66
C ILE A 190 -8.45 27.55 37.06
N GLU A 191 -9.12 28.42 36.30
CA GLU A 191 -9.17 29.84 36.62
C GLU A 191 -9.79 30.10 37.99
N ASN A 192 -10.59 29.16 38.51
CA ASN A 192 -11.20 29.30 39.83
C ASN A 192 -10.39 28.63 40.92
N LEU A 193 -9.10 28.38 40.66
CA LEU A 193 -8.21 27.75 41.63
C LEU A 193 -7.08 28.71 41.97
N LYS A 194 -6.80 28.87 43.26
CA LYS A 194 -5.72 29.73 43.70
C LYS A 194 -4.38 29.18 43.27
N ASP A 195 -3.50 30.07 42.80
CA ASP A 195 -2.11 29.79 42.40
C ASP A 195 -1.95 28.42 41.76
N ALA A 196 -2.83 28.11 40.80
CA ALA A 196 -2.91 26.75 40.27
C ALA A 196 -1.75 26.41 39.34
N SER A 197 -0.95 27.38 38.91
CA SER A 197 0.12 27.10 37.95
C SER A 197 1.12 26.10 38.51
N SER A 198 1.51 26.28 39.78
CA SER A 198 2.42 25.34 40.42
C SER A 198 1.78 23.96 40.53
N PHE A 199 0.49 23.91 40.83
CA PHE A 199 -0.20 22.62 40.92
C PHE A 199 -0.18 21.89 39.58
N LEU A 200 -0.49 22.59 38.49
CA LEU A 200 -0.45 21.97 37.18
C LEU A 200 0.96 21.53 36.82
N ALA A 201 1.96 22.35 37.15
CA ALA A 201 3.35 21.96 36.87
C ALA A 201 3.71 20.68 37.62
N GLU A 202 3.36 20.60 38.90
CA GLU A 202 3.68 19.40 39.68
C GLU A 202 2.95 18.18 39.16
N TRP A 203 1.66 18.33 38.82
CA TRP A 203 0.90 17.19 38.32
C TRP A 203 1.43 16.72 36.96
N GLN A 204 1.78 17.67 36.09
CA GLN A 204 2.38 17.30 34.80
C GLN A 204 3.71 16.59 35.00
N ASN A 205 4.52 17.08 35.95
CA ASN A 205 5.80 16.42 36.24
C ASN A 205 5.58 14.99 36.72
N ILE A 206 4.63 14.80 37.62
CA ILE A 206 4.35 13.45 38.13
C ILE A 206 3.87 12.53 37.00
N THR A 207 2.95 13.04 36.17
CA THR A 207 2.40 12.24 35.09
C THR A 207 3.47 11.86 34.08
N LYS A 208 4.36 12.80 33.75
CA LYS A 208 5.45 12.51 32.82
C LYS A 208 6.46 11.55 33.43
N GLY A 209 6.70 11.66 34.73
CA GLY A 209 7.61 10.74 35.39
C GLY A 209 7.08 9.33 35.42
N PHE A 210 5.76 9.17 35.58
CA PHE A 210 5.18 7.83 35.58
C PHE A 210 5.36 7.15 34.23
N SER A 211 5.09 7.88 33.14
CA SER A 211 5.20 7.33 31.81
C SER A 211 5.31 8.46 30.80
N GLU A 212 5.74 8.12 29.59
CA GLU A 212 5.92 9.10 28.53
C GLU A 212 4.69 9.25 27.64
N ASP A 213 3.82 8.25 27.61
CA ASP A 213 2.63 8.25 26.74
C ASP A 213 1.38 8.68 27.50
N ARG A 214 1.52 9.59 28.45
CA ARG A 214 0.40 10.07 29.25
C ARG A 214 0.03 11.50 28.84
N LEU A 215 -1.14 11.92 29.29
CA LEU A 215 -1.69 13.22 28.92
C LEU A 215 -2.26 13.93 30.14
N LEU A 216 -2.34 15.26 30.04
CA LEU A 216 -2.98 16.08 31.05
C LEU A 216 -3.70 17.23 30.34
N ILE A 217 -5.01 17.31 30.53
CA ILE A 217 -5.84 18.29 29.85
C ILE A 217 -6.34 19.31 30.87
N ALA A 218 -6.26 20.58 30.50
CA ALA A 218 -6.73 21.68 31.33
C ALA A 218 -7.78 22.49 30.58
N GLY A 219 -8.80 22.95 31.32
CA GLY A 219 -9.86 23.73 30.72
C GLY A 219 -10.23 24.97 31.50
N THR A 220 -10.28 26.11 30.83
CA THR A 220 -10.64 27.37 31.44
C THR A 220 -11.63 28.10 30.54
N ASN A 221 -12.35 29.05 31.13
CA ASN A 221 -13.31 29.87 30.39
C ASN A 221 -12.76 31.25 30.06
N SER A 222 -11.45 31.45 30.20
CA SER A 222 -10.81 32.72 29.89
C SER A 222 -10.43 32.76 28.42
N SER A 223 -10.86 33.81 27.72
CA SER A 223 -10.55 34.00 26.32
C SER A 223 -9.41 34.99 26.10
N ASP A 224 -8.73 35.42 27.17
CA ASP A 224 -7.64 36.37 27.06
C ASP A 224 -6.38 35.64 26.59
N LEU A 225 -5.80 36.11 25.48
CA LEU A 225 -4.58 35.49 24.97
C LEU A 225 -3.43 35.64 25.96
N GLN A 226 -3.32 36.81 26.60
CA GLN A 226 -2.25 37.02 27.57
C GLN A 226 -2.38 36.08 28.75
N GLN A 227 -3.61 35.86 29.24
CA GLN A 227 -3.81 34.94 30.35
C GLN A 227 -3.43 33.52 29.96
N ILE A 228 -3.81 33.09 28.76
CA ILE A 228 -3.46 31.75 28.30
C ILE A 228 -1.94 31.61 28.19
N LEU A 229 -1.28 32.63 27.64
CA LEU A 229 0.18 32.59 27.53
C LEU A 229 0.84 32.53 28.90
N SER A 230 0.32 33.29 29.87
CA SER A 230 0.85 33.25 31.21
C SER A 230 0.68 31.87 31.85
N LEU A 231 -0.48 31.24 31.62
CA LEU A 231 -0.71 29.90 32.14
C LEU A 231 0.22 28.87 31.52
N LEU A 232 0.82 29.16 30.37
CA LEU A 232 1.74 28.27 29.69
C LEU A 232 3.20 28.66 29.90
N GLU A 233 3.46 29.54 30.87
CA GLU A 233 4.83 29.99 31.10
C GLU A 233 5.71 28.85 31.63
N SER A 234 5.24 28.15 32.66
CA SER A 234 6.02 27.11 33.30
C SER A 234 5.79 25.73 32.70
N ASN A 235 4.83 25.58 31.80
CA ASN A 235 4.52 24.29 31.18
C ASN A 235 4.46 24.45 29.67
N LYS A 236 5.05 23.51 28.95
CA LYS A 236 5.04 23.52 27.50
C LYS A 236 4.47 22.25 26.87
N ASP A 237 4.35 21.15 27.62
CA ASP A 237 3.76 19.92 27.13
C ASP A 237 2.35 19.70 27.65
N LEU A 238 1.61 20.78 27.89
CA LEU A 238 0.28 20.71 28.46
C LEU A 238 -0.75 21.13 27.42
N LEU A 239 -1.82 20.34 27.30
CA LEU A 239 -2.91 20.64 26.38
C LEU A 239 -3.96 21.46 27.11
N LEU A 240 -4.15 22.71 26.69
CA LEU A 240 -5.10 23.61 27.31
C LEU A 240 -6.18 23.98 26.31
N THR A 241 -7.44 23.89 26.74
CA THR A 241 -8.58 24.28 25.94
C THR A 241 -9.34 25.40 26.65
N SER A 242 -9.74 26.40 25.88
CA SER A 242 -10.43 27.55 26.44
C SER A 242 -11.36 28.13 25.39
N SER A 243 -12.04 29.22 25.77
CA SER A 243 -12.99 29.90 24.90
C SER A 243 -12.33 30.99 24.05
N TYR A 244 -11.03 30.88 23.82
CA TYR A 244 -10.31 31.90 23.05
C TYR A 244 -10.84 31.98 21.62
N LEU A 245 -11.01 30.84 20.97
CA LEU A 245 -11.47 30.82 19.59
C LEU A 245 -12.97 31.06 19.47
N SER A 246 -13.74 30.79 20.52
CA SER A 246 -15.19 30.93 20.47
C SER A 246 -15.58 32.40 20.67
N ASP A 247 -16.88 32.61 20.92
CA ASP A 247 -17.50 33.91 21.20
C ASP A 247 -16.98 35.03 20.30
N SER A 248 -16.85 34.74 19.00
CA SER A 248 -16.46 35.76 18.03
C SER A 248 -17.61 36.14 17.11
N GLY A 249 -18.16 35.17 16.38
CA GLY A 249 -19.31 35.41 15.53
C GLY A 249 -19.11 36.53 14.53
N SER A 250 -17.96 36.55 13.87
CA SER A 250 -17.57 37.68 13.05
C SER A 250 -16.94 37.17 11.76
N THR A 251 -16.29 38.07 11.04
CA THR A 251 -15.74 37.77 9.73
C THR A 251 -14.58 36.77 9.83
N GLY A 252 -14.27 36.16 8.68
CA GLY A 252 -13.20 35.18 8.64
C GLY A 252 -11.83 35.76 8.91
N GLU A 253 -11.60 37.01 8.51
CA GLU A 253 -10.30 37.62 8.74
C GLU A 253 -10.01 37.80 10.24
N HIS A 254 -11.05 38.00 11.05
CA HIS A 254 -10.85 38.07 12.49
C HIS A 254 -10.35 36.74 13.04
N THR A 255 -10.94 35.64 12.59
CA THR A 255 -10.47 34.32 13.00
C THR A 255 -9.07 34.04 12.50
N LYS A 256 -8.76 34.47 11.27
CA LYS A 256 -7.41 34.33 10.73
C LYS A 256 -6.42 35.08 11.60
N SER A 257 -6.75 36.31 11.99
CA SER A 257 -5.87 37.09 12.85
C SER A 257 -5.68 36.41 14.19
N LEU A 258 -6.76 35.89 14.78
CA LEU A 258 -6.66 35.22 16.07
C LEU A 258 -5.75 34.00 15.99
N VAL A 259 -5.95 33.17 14.96
CA VAL A 259 -5.15 31.95 14.82
C VAL A 259 -3.68 32.30 14.58
N THR A 260 -3.43 33.27 13.69
CA THR A 260 -2.05 33.65 13.40
C THR A 260 -1.37 34.22 14.63
N GLN A 261 -2.08 35.05 15.40
CA GLN A 261 -1.50 35.62 16.61
C GLN A 261 -1.20 34.52 17.63
N TYR A 262 -2.11 33.55 17.78
CA TYR A 262 -1.88 32.48 18.73
C TYR A 262 -0.66 31.65 18.32
N LEU A 263 -0.55 31.34 17.03
CA LEU A 263 0.61 30.57 16.57
C LEU A 263 1.90 31.37 16.73
N ASN A 264 1.86 32.67 16.46
CA ASN A 264 3.04 33.51 16.60
C ASN A 264 3.50 33.58 18.05
N ALA A 265 2.55 33.74 18.97
CA ALA A 265 2.90 33.85 20.39
C ALA A 265 3.38 32.51 20.94
N THR A 266 2.71 31.42 20.58
CA THR A 266 3.08 30.11 21.12
C THR A 266 4.43 29.65 20.58
N GLY A 267 4.73 29.95 19.32
CA GLY A 267 5.95 29.51 18.70
C GLY A 267 5.83 28.27 17.85
N ASN A 268 4.69 28.08 17.16
CA ASN A 268 4.47 26.92 16.31
C ASN A 268 4.62 25.61 17.08
N ARG A 269 4.14 25.60 18.32
CA ARG A 269 4.15 24.41 19.15
C ARG A 269 2.89 23.58 18.87
N TRP A 270 2.66 22.56 19.68
CA TRP A 270 1.46 21.74 19.56
C TRP A 270 0.37 22.33 20.44
N CYS A 271 -0.83 22.47 19.88
CA CYS A 271 -1.95 23.10 20.56
C CYS A 271 -3.20 22.27 20.38
N SER A 272 -4.25 22.65 21.10
CA SER A 272 -5.55 22.00 21.04
C SER A 272 -6.57 22.99 20.48
N TRP A 273 -7.34 22.55 19.50
CA TRP A 273 -8.34 23.39 18.84
C TRP A 273 -9.72 22.91 19.29
N SER A 274 -10.38 23.72 20.12
CA SER A 274 -11.72 23.41 20.60
C SER A 274 -12.46 24.70 20.87
N LEU A 275 -13.76 24.71 20.58
CA LEU A 275 -14.56 25.90 20.80
C LEU A 275 -14.66 26.24 22.28
N SER A 276 -14.86 25.24 23.13
CA SER A 276 -15.00 25.47 24.57
C SER A 276 -14.51 24.22 25.30
N GLN A 277 -14.73 24.20 26.61
CA GLN A 277 -14.31 23.10 27.47
C GLN A 277 -15.42 22.07 27.70
N ALA A 278 -16.68 22.51 27.82
CA ALA A 278 -17.78 21.59 28.03
C ALA A 278 -19.04 21.97 27.25
N ARG A 279 -18.93 22.84 26.25
CA ARG A 279 -20.08 23.33 25.51
C ARG A 279 -20.14 22.72 24.12
N LEU A 280 -21.35 22.66 23.58
CA LEU A 280 -21.57 22.11 22.25
C LEU A 280 -21.24 23.14 21.17
N LEU A 281 -21.07 22.66 19.94
CA LEU A 281 -20.81 23.55 18.82
C LEU A 281 -21.99 24.48 18.57
N THR A 282 -23.21 23.96 18.67
CA THR A 282 -24.41 24.76 18.43
C THR A 282 -24.63 25.82 19.50
N SER A 283 -23.92 25.76 20.62
CA SER A 283 -24.11 26.74 21.69
C SER A 283 -23.61 28.13 21.30
N PHE A 284 -22.81 28.25 20.25
CA PHE A 284 -22.28 29.54 19.83
C PHE A 284 -22.35 29.78 18.33
N LEU A 285 -22.87 28.83 17.56
CA LEU A 285 -22.89 28.97 16.11
C LEU A 285 -24.28 28.67 15.56
N PRO A 286 -24.64 29.28 14.44
CA PRO A 286 -25.90 28.93 13.77
C PRO A 286 -25.77 27.62 13.01
N ALA A 287 -26.92 27.14 12.54
CA ALA A 287 -26.94 25.87 11.80
C ALA A 287 -26.24 25.96 10.46
N GLN A 288 -26.08 27.17 9.91
CA GLN A 288 -25.46 27.33 8.60
C GLN A 288 -23.94 27.34 8.65
N LEU A 289 -23.34 27.39 9.84
CA LEU A 289 -21.90 27.50 9.98
C LEU A 289 -21.27 26.27 10.64
N LEU A 290 -22.07 25.28 11.04
CA LEU A 290 -21.52 24.12 11.73
C LEU A 290 -20.57 23.33 10.84
N ARG A 291 -20.95 23.12 9.58
CA ARG A 291 -20.09 22.36 8.67
C ARG A 291 -18.79 23.09 8.39
N LEU A 292 -18.85 24.42 8.25
CA LEU A 292 -17.63 25.20 8.01
C LEU A 292 -16.66 25.08 9.17
N TYR A 293 -17.16 25.20 10.41
CA TYR A 293 -16.29 25.07 11.56
C TYR A 293 -15.77 23.65 11.70
N GLN A 294 -16.60 22.65 11.39
CA GLN A 294 -16.13 21.27 11.42
C GLN A 294 -15.00 21.04 10.44
N LEU A 295 -15.11 21.62 9.24
CA LEU A 295 -14.04 21.51 8.27
C LEU A 295 -12.78 22.24 8.75
N MET A 296 -12.96 23.42 9.35
CA MET A 296 -11.81 24.20 9.80
C MET A 296 -11.05 23.47 10.91
N LEU A 297 -11.78 22.89 11.87
CA LEU A 297 -11.12 22.28 13.03
C LEU A 297 -10.32 21.05 12.64
N PHE A 298 -10.73 20.33 11.61
CA PHE A 298 -10.06 19.10 11.23
C PHE A 298 -8.80 19.32 10.41
N THR A 299 -8.50 20.56 10.04
CA THR A 299 -7.33 20.86 9.22
C THR A 299 -6.29 21.71 9.91
N LEU A 300 -6.63 22.38 11.01
CA LEU A 300 -5.67 23.20 11.72
C LEU A 300 -4.59 22.32 12.35
N PRO A 301 -3.35 22.82 12.47
CA PRO A 301 -2.26 22.03 13.04
C PRO A 301 -2.35 21.89 14.56
N GLY A 302 -3.15 20.92 15.00
CA GLY A 302 -3.33 20.69 16.41
C GLY A 302 -4.16 19.47 16.66
N THR A 303 -4.63 19.34 17.90
CA THR A 303 -5.47 18.21 18.28
C THR A 303 -6.90 18.68 18.43
N PRO A 304 -7.81 18.33 17.52
CA PRO A 304 -9.20 18.76 17.66
C PRO A 304 -9.90 18.06 18.81
N VAL A 305 -10.78 18.79 19.47
CA VAL A 305 -11.56 18.28 20.60
C VAL A 305 -13.03 18.57 20.34
N PHE A 306 -13.87 17.54 20.46
CA PHE A 306 -15.30 17.68 20.24
C PHE A 306 -16.07 17.13 21.43
N SER A 307 -17.26 17.67 21.64
CA SER A 307 -18.16 17.15 22.65
C SER A 307 -19.07 16.08 22.04
N TYR A 308 -19.74 15.33 22.92
CA TYR A 308 -20.57 14.23 22.44
C TYR A 308 -21.80 14.77 21.71
N GLY A 309 -22.13 14.11 20.60
CA GLY A 309 -23.30 14.47 19.82
C GLY A 309 -23.09 15.61 18.84
N ASP A 310 -21.91 16.22 18.80
CA ASP A 310 -21.66 17.34 17.90
C ASP A 310 -21.24 16.89 16.51
N GLU A 311 -21.05 15.59 16.29
CA GLU A 311 -20.79 15.08 14.96
C GLU A 311 -22.05 15.02 14.10
N ILE A 312 -23.22 15.08 14.72
CA ILE A 312 -24.50 15.07 14.02
C ILE A 312 -25.23 16.40 14.15
N GLY A 313 -24.55 17.42 14.64
CA GLY A 313 -25.17 18.73 14.80
C GLY A 313 -26.31 18.77 15.81
N LEU A 314 -26.14 18.12 16.95
CA LEU A 314 -27.17 18.13 17.98
C LEU A 314 -27.35 19.55 18.52
N ASP A 315 -28.60 19.95 18.73
CA ASP A 315 -28.92 21.28 19.22
C ASP A 315 -29.77 21.16 20.48
N ALA A 316 -29.45 21.97 21.48
CA ALA A 316 -30.15 21.94 22.74
C ALA A 316 -31.41 22.78 22.75
N ALA A 317 -31.48 23.82 21.92
CA ALA A 317 -32.68 24.64 21.87
C ALA A 317 -33.89 23.85 21.40
N ALA A 318 -33.71 23.01 20.38
CA ALA A 318 -34.77 22.12 19.95
C ALA A 318 -35.03 21.04 21.00
N LEU A 319 -36.23 20.47 20.95
CA LEU A 319 -36.69 19.50 21.94
C LEU A 319 -36.54 20.09 23.33
N PRO A 320 -37.40 21.04 23.72
CA PRO A 320 -37.22 21.74 24.99
C PRO A 320 -37.38 20.81 26.18
N GLY A 321 -36.81 21.25 27.30
CA GLY A 321 -36.80 20.48 28.53
C GLY A 321 -35.49 19.78 28.81
N GLN A 322 -34.65 19.59 27.80
CA GLN A 322 -33.34 18.99 28.01
C GLN A 322 -32.37 20.05 28.52
N PRO A 323 -31.69 19.83 29.64
CA PRO A 323 -30.72 20.81 30.12
C PRO A 323 -29.61 21.03 29.09
N MET A 324 -29.18 22.28 28.97
CA MET A 324 -28.19 22.62 27.95
C MET A 324 -26.85 21.94 28.21
N GLU A 325 -26.56 21.64 29.48
CA GLU A 325 -25.27 21.04 29.81
C GLU A 325 -25.18 19.59 29.34
N ALA A 326 -26.27 18.83 29.49
CA ALA A 326 -26.29 17.41 29.15
C ALA A 326 -27.53 17.09 28.33
N PRO A 327 -27.56 17.50 27.05
CA PRO A 327 -28.65 17.08 26.18
C PRO A 327 -28.54 15.60 25.84
N VAL A 328 -29.69 14.96 25.64
CA VAL A 328 -29.73 13.53 25.38
C VAL A 328 -29.34 13.26 23.93
N MET A 329 -28.58 12.20 23.72
CA MET A 329 -28.19 11.81 22.37
C MET A 329 -29.39 11.21 21.64
N LEU A 330 -29.51 11.57 20.36
CA LEU A 330 -30.61 11.09 19.52
C LEU A 330 -30.12 9.94 18.65
N TRP A 331 -30.09 8.75 19.24
CA TRP A 331 -29.64 7.56 18.53
C TRP A 331 -30.56 7.26 17.34
N ASP A 332 -31.83 6.96 17.62
CA ASP A 332 -32.79 6.66 16.56
C ASP A 332 -34.07 7.47 16.75
N GLU A 333 -35.11 7.13 15.98
CA GLU A 333 -36.37 7.88 16.10
C GLU A 333 -37.00 7.68 17.46
N SER A 334 -36.75 6.56 18.12
CA SER A 334 -37.32 6.27 19.43
C SER A 334 -36.32 6.48 20.56
N SER A 335 -35.24 7.21 20.30
CA SER A 335 -34.21 7.43 21.32
C SER A 335 -34.68 8.31 22.47
N PHE A 336 -35.78 9.03 22.30
CA PHE A 336 -36.30 9.93 23.33
C PHE A 336 -37.80 9.69 23.55
N PRO A 337 -38.17 8.50 24.05
CA PRO A 337 -39.59 8.24 24.31
C PRO A 337 -40.16 9.07 25.44
N ASP A 338 -39.32 9.55 26.36
CA ASP A 338 -39.82 10.33 27.49
C ASP A 338 -40.39 11.67 27.03
N ILE A 339 -39.74 12.31 26.07
CA ILE A 339 -40.18 13.63 25.61
C ILE A 339 -40.66 13.54 24.16
N PRO A 340 -41.96 13.46 23.92
CA PRO A 340 -42.45 13.52 22.54
C PRO A 340 -42.19 14.88 21.92
N GLY A 341 -41.92 14.87 20.62
CA GLY A 341 -41.64 16.11 19.91
C GLY A 341 -41.24 15.89 18.47
N ALA A 342 -40.26 16.65 18.00
CA ALA A 342 -39.80 16.51 16.62
C ALA A 342 -38.99 15.24 16.45
N VAL A 343 -39.39 14.40 15.51
CA VAL A 343 -38.71 13.14 15.20
C VAL A 343 -38.48 13.09 13.69
N SER A 344 -37.23 13.00 13.27
CA SER A 344 -36.91 12.93 11.85
C SER A 344 -35.49 12.39 11.67
N ALA A 345 -35.16 12.09 10.41
CA ALA A 345 -33.87 11.46 10.11
C ALA A 345 -32.73 12.47 10.10
N ASN A 346 -33.01 13.73 9.80
CA ASN A 346 -31.97 14.74 9.71
C ASN A 346 -31.22 14.92 11.04
N MET A 347 -31.84 14.51 12.15
CA MET A 347 -31.30 14.72 13.47
C MET A 347 -31.23 13.43 14.29
N THR A 348 -31.06 12.29 13.63
CA THR A 348 -30.85 11.02 14.30
C THR A 348 -29.62 10.34 13.73
N VAL A 349 -28.95 9.55 14.57
CA VAL A 349 -27.71 8.88 14.19
C VAL A 349 -27.96 7.93 13.03
N LYS A 350 -28.97 7.07 13.16
CA LYS A 350 -29.27 6.14 12.09
C LYS A 350 -29.91 6.84 10.90
N GLY A 351 -30.59 7.96 11.14
CA GLY A 351 -31.14 8.72 10.03
C GLY A 351 -30.07 9.31 9.14
N GLN A 352 -29.00 9.81 9.73
CA GLN A 352 -27.87 10.36 8.98
C GLN A 352 -26.82 9.32 8.63
N SER A 353 -27.00 8.07 9.07
CA SER A 353 -26.01 7.03 8.81
C SER A 353 -25.91 6.68 7.35
N GLU A 354 -26.97 6.89 6.57
CA GLU A 354 -26.96 6.56 5.15
C GLU A 354 -27.00 7.77 4.24
N ASP A 355 -27.32 8.95 4.76
CA ASP A 355 -27.38 10.15 3.93
C ASP A 355 -25.97 10.60 3.56
N PRO A 356 -25.64 10.67 2.27
CA PRO A 356 -24.29 11.14 1.89
C PRO A 356 -24.09 12.63 2.04
N GLY A 357 -25.16 13.41 2.21
CA GLY A 357 -25.04 14.84 2.38
C GLY A 357 -25.30 15.29 3.80
N SER A 358 -25.21 14.35 4.75
CA SER A 358 -25.47 14.64 6.15
C SER A 358 -24.18 15.00 6.88
N LEU A 359 -24.34 15.47 8.11
CA LEU A 359 -23.19 15.85 8.92
C LEU A 359 -22.31 14.67 9.26
N LEU A 360 -22.92 13.51 9.52
CA LEU A 360 -22.16 12.34 9.97
C LEU A 360 -21.21 11.85 8.89
N SER A 361 -21.66 11.83 7.62
CA SER A 361 -20.80 11.39 6.54
C SER A 361 -19.60 12.32 6.36
N LEU A 362 -19.85 13.63 6.42
CA LEU A 362 -18.76 14.60 6.33
C LEU A 362 -17.78 14.44 7.49
N PHE A 363 -18.31 14.22 8.69
CA PHE A 363 -17.45 14.01 9.85
C PHE A 363 -16.58 12.77 9.68
N ARG A 364 -17.17 11.68 9.19
CA ARG A 364 -16.41 10.45 9.00
C ARG A 364 -15.33 10.64 7.94
N ARG A 365 -15.67 11.29 6.83
CA ARG A 365 -14.68 11.52 5.78
C ARG A 365 -13.54 12.40 6.28
N LEU A 366 -13.87 13.47 7.02
CA LEU A 366 -12.84 14.35 7.54
C LEU A 366 -11.95 13.63 8.54
N SER A 367 -12.55 12.82 9.42
CA SER A 367 -11.75 12.06 10.38
C SER A 367 -10.82 11.09 9.68
N ASP A 368 -11.31 10.39 8.66
CA ASP A 368 -10.46 9.47 7.92
C ASP A 368 -9.31 10.20 7.24
N GLN A 369 -9.60 11.35 6.61
CA GLN A 369 -8.55 12.11 5.94
C GLN A 369 -7.52 12.61 6.93
N ARG A 370 -7.96 13.08 8.09
CA ARG A 370 -7.03 13.58 9.10
C ARG A 370 -6.17 12.45 9.64
N SER A 371 -6.75 11.29 9.89
CA SER A 371 -6.02 10.18 10.49
C SER A 371 -5.17 9.40 9.50
N LYS A 372 -5.38 9.58 8.19
CA LYS A 372 -4.66 8.79 7.21
C LYS A 372 -3.64 9.58 6.40
N GLU A 373 -3.59 10.90 6.53
CA GLU A 373 -2.72 11.74 5.70
C GLU A 373 -1.57 12.29 6.54
N ARG A 374 -0.35 12.14 6.02
CA ARG A 374 0.84 12.62 6.73
C ARG A 374 0.86 14.14 6.82
N SER A 375 0.49 14.82 5.73
CA SER A 375 0.49 16.28 5.73
C SER A 375 -0.51 16.83 6.74
N LEU A 376 -1.71 16.24 6.81
CA LEU A 376 -2.66 16.62 7.85
C LEU A 376 -2.21 16.18 9.23
N LEU A 377 -1.31 15.20 9.31
CA LEU A 377 -0.85 14.71 10.61
C LEU A 377 0.17 15.65 11.23
N HIS A 378 1.31 15.85 10.55
CA HIS A 378 2.38 16.69 11.09
C HIS A 378 2.98 17.56 10.00
N GLY A 379 2.10 18.19 9.20
CA GLY A 379 2.56 19.10 8.17
C GLY A 379 2.81 20.49 8.72
N ASP A 380 3.14 21.40 7.81
CA ASP A 380 3.38 22.79 8.14
C ASP A 380 2.13 23.63 7.90
N PHE A 381 2.19 24.87 8.37
CA PHE A 381 1.06 25.80 8.26
C PHE A 381 1.53 27.09 7.62
N HIS A 382 0.80 27.55 6.61
CA HIS A 382 1.12 28.81 5.95
C HIS A 382 -0.18 29.44 5.46
N ALA A 383 -0.54 30.58 6.02
CA ALA A 383 -1.76 31.29 5.67
C ALA A 383 -1.41 32.55 4.88
N PHE A 384 -2.07 32.73 3.75
CA PHE A 384 -1.85 33.89 2.88
C PHE A 384 -3.11 34.71 2.78
N SER A 385 -2.94 35.98 2.39
CA SER A 385 -4.05 36.90 2.30
C SER A 385 -5.03 36.49 1.21
N ALA A 386 -6.29 36.87 1.39
CA ALA A 386 -7.36 36.52 0.46
C ALA A 386 -8.38 37.65 0.47
N GLY A 387 -9.57 37.38 -0.05
CA GLY A 387 -10.62 38.37 -0.10
C GLY A 387 -11.14 38.75 1.28
N PRO A 388 -11.97 39.79 1.33
CA PRO A 388 -12.46 40.26 2.63
C PRO A 388 -13.51 39.33 3.23
N GLY A 389 -13.04 38.29 3.93
CA GLY A 389 -13.94 37.33 4.52
C GLY A 389 -13.61 35.91 4.12
N LEU A 390 -12.40 35.70 3.62
CA LEU A 390 -11.95 34.38 3.17
C LEU A 390 -10.71 33.97 3.94
N PHE A 391 -10.70 32.71 4.37
CA PHE A 391 -9.57 32.13 5.11
C PHE A 391 -8.96 31.03 4.25
N SER A 392 -7.65 31.12 4.03
CA SER A 392 -6.95 30.17 3.17
C SER A 392 -5.59 29.83 3.78
N TYR A 393 -5.23 28.55 3.70
CA TYR A 393 -3.95 28.07 4.19
C TYR A 393 -3.62 26.75 3.51
N ILE A 394 -2.36 26.33 3.64
CA ILE A 394 -1.88 25.10 3.01
C ILE A 394 -1.19 24.24 4.05
N ARG A 395 -1.13 22.94 3.75
CA ARG A 395 -0.46 21.96 4.61
C ARG A 395 0.46 21.11 3.76
N HIS A 396 1.67 20.87 4.28
CA HIS A 396 2.69 20.09 3.57
C HIS A 396 3.80 19.70 4.54
N TRP A 397 4.18 18.42 4.57
CA TRP A 397 5.18 18.02 5.54
C TRP A 397 6.59 18.01 4.96
N ASP A 398 6.89 17.08 4.05
CA ASP A 398 8.17 17.13 3.35
C ASP A 398 8.01 17.09 1.84
N GLN A 399 7.38 16.02 1.35
CA GLN A 399 7.18 15.82 -0.08
C GLN A 399 5.85 15.15 -0.41
N ASN A 400 5.00 14.91 0.59
CA ASN A 400 3.78 14.15 0.37
C ASN A 400 2.75 15.01 -0.35
N GLU A 401 1.54 14.47 -0.48
CA GLU A 401 0.47 15.17 -1.20
C GLU A 401 0.06 16.42 -0.43
N ARG A 402 0.18 17.57 -1.07
CA ARG A 402 -0.15 18.83 -0.42
C ARG A 402 -1.66 18.99 -0.30
N PHE A 403 -2.07 19.94 0.54
CA PHE A 403 -3.49 20.23 0.76
C PHE A 403 -3.70 21.74 0.79
N LEU A 404 -4.85 22.17 0.26
CA LEU A 404 -5.23 23.57 0.26
C LEU A 404 -6.66 23.67 0.77
N VAL A 405 -6.88 24.55 1.75
CA VAL A 405 -8.19 24.74 2.35
C VAL A 405 -8.59 26.21 2.20
N VAL A 406 -9.78 26.45 1.65
CA VAL A 406 -10.32 27.79 1.49
C VAL A 406 -11.73 27.80 2.07
N LEU A 407 -11.99 28.76 2.95
CA LEU A 407 -13.29 28.89 3.61
C LEU A 407 -13.85 30.28 3.37
N ASN A 408 -15.17 30.36 3.23
CA ASN A 408 -15.87 31.62 2.99
C ASN A 408 -16.78 31.88 4.19
N PHE A 409 -16.34 32.75 5.09
CA PHE A 409 -17.17 33.13 6.24
C PHE A 409 -18.28 34.10 5.85
N GLY A 410 -18.19 34.73 4.68
CA GLY A 410 -19.20 35.67 4.28
C GLY A 410 -20.51 35.00 3.91
N ASP A 411 -21.58 35.77 4.00
CA ASP A 411 -22.92 35.29 3.68
C ASP A 411 -23.32 35.58 2.23
N VAL A 412 -22.40 36.10 1.42
CA VAL A 412 -22.69 36.41 0.02
C VAL A 412 -21.63 35.74 -0.85
N GLY A 413 -22.00 35.48 -2.11
CA GLY A 413 -21.06 34.88 -3.02
C GLY A 413 -20.02 35.87 -3.51
N LEU A 414 -18.82 35.36 -3.76
CA LEU A 414 -17.73 36.20 -4.24
C LEU A 414 -16.69 35.32 -4.93
N SER A 415 -15.80 35.97 -5.68
CA SER A 415 -14.74 35.28 -6.38
C SER A 415 -13.62 34.90 -5.40
N ALA A 416 -12.63 34.17 -5.90
CA ALA A 416 -11.53 33.73 -5.05
C ALA A 416 -10.73 34.92 -4.54
N GLY A 417 -10.28 35.79 -5.45
CA GLY A 417 -9.53 36.97 -5.07
C GLY A 417 -8.29 36.70 -4.25
N LEU A 418 -7.49 35.72 -4.69
CA LEU A 418 -6.34 35.28 -3.92
C LEU A 418 -5.06 35.45 -4.75
N GLN A 419 -3.94 35.61 -4.04
CA GLN A 419 -2.62 35.67 -4.63
C GLN A 419 -1.74 34.60 -3.99
N ALA A 420 -0.61 34.32 -4.64
CA ALA A 420 0.27 33.27 -4.16
C ALA A 420 0.81 33.58 -2.77
N SER A 421 1.64 34.63 -2.67
CA SER A 421 2.20 35.09 -1.40
C SER A 421 2.74 33.93 -0.57
N ASP A 422 3.40 32.99 -1.25
CA ASP A 422 3.83 31.73 -0.63
C ASP A 422 5.31 31.81 -0.31
N LEU A 423 5.67 31.58 0.95
CA LEU A 423 7.06 31.61 1.38
C LEU A 423 7.79 30.33 0.96
N PRO A 424 7.27 29.12 1.27
CA PRO A 424 7.96 27.91 0.79
C PRO A 424 7.81 27.73 -0.72
N ALA A 425 8.94 27.80 -1.44
CA ALA A 425 8.89 27.61 -2.89
C ALA A 425 8.47 26.19 -3.26
N SER A 426 8.91 25.20 -2.49
CA SER A 426 8.54 23.81 -2.77
C SER A 426 7.04 23.57 -2.61
N ALA A 427 6.34 24.43 -1.87
CA ALA A 427 4.90 24.31 -1.67
C ALA A 427 4.10 25.29 -2.53
N SER A 428 4.73 25.88 -3.54
CA SER A 428 4.03 26.84 -4.39
C SER A 428 2.85 26.18 -5.08
N LEU A 429 1.70 26.84 -5.03
CA LEU A 429 0.48 26.26 -5.58
C LEU A 429 0.50 26.33 -7.10
N PRO A 430 0.22 25.24 -7.80
CA PRO A 430 0.10 25.26 -9.25
C PRO A 430 -1.29 25.72 -9.66
N ALA A 431 -1.48 25.84 -10.98
CA ALA A 431 -2.78 26.24 -11.50
C ALA A 431 -3.79 25.10 -11.54
N LYS A 432 -3.33 23.85 -11.41
CA LYS A 432 -4.20 22.68 -11.51
C LYS A 432 -4.15 21.91 -10.20
N ALA A 433 -5.32 21.55 -9.69
CA ALA A 433 -5.44 20.70 -8.52
C ALA A 433 -6.82 20.06 -8.49
N ASP A 434 -6.94 18.97 -7.75
CA ASP A 434 -8.20 18.27 -7.63
C ASP A 434 -9.05 18.86 -6.51
N LEU A 435 -10.28 18.38 -6.41
CA LEU A 435 -11.21 18.79 -5.36
C LEU A 435 -11.71 17.55 -4.64
N LEU A 436 -11.78 17.64 -3.31
CA LEU A 436 -12.21 16.51 -2.48
C LEU A 436 -13.69 16.59 -2.12
N LEU A 437 -14.11 17.69 -1.51
CA LEU A 437 -15.49 17.83 -1.08
C LEU A 437 -15.78 19.30 -0.83
N SER A 438 -17.07 19.60 -0.71
CA SER A 438 -17.53 20.93 -0.34
C SER A 438 -18.70 20.78 0.63
N THR A 439 -18.88 21.80 1.47
CA THR A 439 -19.96 21.75 2.45
C THR A 439 -21.33 21.82 1.79
N GLN A 440 -21.43 22.46 0.63
CA GLN A 440 -22.69 22.59 -0.08
C GLN A 440 -22.72 21.62 -1.25
N PRO A 441 -23.64 20.67 -1.27
CA PRO A 441 -23.69 19.72 -2.39
C PRO A 441 -24.04 20.41 -3.69
N GLY A 442 -23.58 19.82 -4.79
CA GLY A 442 -23.79 20.39 -6.10
C GLY A 442 -22.50 20.63 -6.86
N ARG A 443 -21.45 19.88 -6.49
CA ARG A 443 -20.16 19.98 -7.14
C ARG A 443 -19.62 18.58 -7.39
N GLU A 444 -18.72 18.48 -8.37
CA GLU A 444 -18.12 17.22 -8.77
C GLU A 444 -16.83 16.98 -8.00
N GLU A 445 -16.35 15.73 -8.06
CA GLU A 445 -15.19 15.30 -7.32
C GLU A 445 -14.11 14.80 -8.29
N GLY A 446 -12.85 15.14 -7.99
CA GLY A 446 -11.73 14.65 -8.75
C GLY A 446 -11.42 15.42 -10.02
N SER A 447 -12.18 16.46 -10.34
CA SER A 447 -11.95 17.22 -11.56
C SER A 447 -10.81 18.20 -11.34
N PRO A 448 -9.75 18.16 -12.15
CA PRO A 448 -8.70 19.19 -12.05
C PRO A 448 -9.24 20.57 -12.39
N LEU A 449 -9.29 21.45 -11.40
CA LEU A 449 -9.88 22.77 -11.55
C LEU A 449 -8.80 23.84 -11.51
N GLU A 450 -8.98 24.88 -12.33
CA GLU A 450 -8.05 26.00 -12.33
C GLU A 450 -8.10 26.73 -11.00
N LEU A 451 -6.94 27.02 -10.44
CA LEU A 451 -6.86 27.74 -9.16
C LEU A 451 -6.71 29.24 -9.36
N GLU A 452 -7.56 29.81 -10.21
CA GLU A 452 -7.48 31.25 -10.44
C GLU A 452 -8.83 31.95 -10.36
N ARG A 453 -9.89 31.34 -10.86
CA ARG A 453 -11.20 31.99 -10.89
C ARG A 453 -12.21 31.23 -10.05
N LEU A 454 -11.84 30.85 -8.83
CA LEU A 454 -12.76 30.12 -7.95
C LEU A 454 -13.93 31.03 -7.57
N LYS A 455 -15.14 30.53 -7.75
CA LYS A 455 -16.34 31.24 -7.33
C LYS A 455 -16.87 30.57 -6.07
N LEU A 456 -16.94 31.34 -4.99
CA LEU A 456 -17.27 30.80 -3.67
C LEU A 456 -18.71 31.16 -3.32
N GLU A 457 -19.54 30.14 -3.09
CA GLU A 457 -20.89 30.35 -2.62
C GLU A 457 -20.87 30.79 -1.16
N PRO A 458 -21.94 31.42 -0.67
CA PRO A 458 -22.00 31.79 0.74
C PRO A 458 -21.84 30.57 1.64
N HIS A 459 -20.98 30.71 2.65
CA HIS A 459 -20.68 29.64 3.61
C HIS A 459 -20.24 28.37 2.89
N GLU A 460 -19.12 28.46 2.20
CA GLU A 460 -18.59 27.34 1.42
C GLU A 460 -17.18 27.02 1.85
N GLY A 461 -16.84 25.74 1.80
CA GLY A 461 -15.50 25.28 2.10
C GLY A 461 -14.98 24.39 0.99
N LEU A 462 -13.66 24.43 0.81
CA LEU A 462 -13.01 23.72 -0.28
C LEU A 462 -11.81 22.94 0.25
N LEU A 463 -11.46 21.88 -0.48
CA LEU A 463 -10.42 20.93 -0.09
C LEU A 463 -9.50 20.63 -1.25
N LEU A 464 -8.98 21.68 -1.90
CA LEU A 464 -8.09 21.50 -3.03
C LEU A 464 -6.88 20.66 -2.66
N ARG A 465 -6.51 19.74 -3.54
CA ARG A 465 -5.39 18.84 -3.35
C ARG A 465 -4.52 18.86 -4.61
N PHE A 466 -3.24 19.14 -4.45
CA PHE A 466 -2.31 19.12 -5.56
C PHE A 466 -1.06 18.34 -5.20
N PRO A 467 -0.44 17.67 -6.17
CA PRO A 467 0.72 16.82 -5.87
C PRO A 467 2.00 17.64 -5.70
N TYR A 468 3.02 16.96 -5.21
CA TYR A 468 4.32 17.58 -5.01
C TYR A 468 4.96 17.92 -6.36
N ALA A 469 5.64 19.06 -6.41
CA ALA A 469 6.32 19.51 -7.62
C ALA A 469 7.67 20.08 -7.22
N ALA A 470 8.36 20.70 -8.19
CA ALA A 470 9.66 21.30 -7.94
C ALA A 470 9.51 22.66 -7.28
N VAL B 1 27.87 -30.38 -32.47
CA VAL B 1 28.06 -29.14 -31.75
C VAL B 1 26.81 -28.77 -30.95
N THR B 2 26.22 -29.77 -30.29
CA THR B 2 25.08 -29.52 -29.43
C THR B 2 25.49 -28.63 -28.26
N LEU B 3 24.49 -28.04 -27.60
CA LEU B 3 24.77 -27.08 -26.54
C LEU B 3 25.55 -27.72 -25.40
N GLN B 4 24.86 -28.57 -24.62
CA GLN B 4 25.42 -29.29 -23.47
C GLN B 4 24.37 -30.19 -22.85
N ARG B 5 24.78 -30.99 -21.86
CA ARG B 5 23.86 -31.70 -20.96
C ARG B 5 24.45 -31.56 -19.57
N ASN B 6 24.07 -30.48 -18.86
CA ASN B 6 24.69 -30.11 -17.60
C ASN B 6 23.72 -29.89 -16.46
N ILE B 7 22.46 -29.55 -16.74
CA ILE B 7 21.51 -29.26 -15.67
C ILE B 7 21.18 -30.56 -14.93
N THR B 8 21.37 -30.55 -13.62
CA THR B 8 21.05 -31.69 -12.78
C THR B 8 19.72 -31.44 -12.06
N LEU B 9 19.32 -32.42 -11.24
CA LEU B 9 18.07 -32.29 -10.50
C LEU B 9 18.10 -31.09 -9.55
N LEU B 10 19.21 -30.93 -8.82
CA LEU B 10 19.33 -29.79 -7.91
C LEU B 10 19.30 -28.48 -8.68
N ASN B 11 19.98 -28.43 -9.82
CA ASN B 11 19.97 -27.21 -10.63
C ASN B 11 18.57 -26.88 -11.11
N GLY B 12 17.81 -27.88 -11.56
CA GLY B 12 16.45 -27.62 -11.99
C GLY B 12 15.55 -27.15 -10.87
N VAL B 13 15.65 -27.79 -9.70
CA VAL B 13 14.86 -27.37 -8.55
C VAL B 13 15.21 -25.94 -8.17
N ALA B 14 16.50 -25.61 -8.15
CA ALA B 14 16.91 -24.25 -7.84
C ALA B 14 16.39 -23.25 -8.86
N ILE B 15 16.42 -23.63 -10.15
CA ILE B 15 15.93 -22.74 -11.20
C ILE B 15 14.45 -22.45 -10.99
N ILE B 16 13.68 -23.50 -10.75
CA ILE B 16 12.24 -23.32 -10.52
C ILE B 16 12.00 -22.35 -9.37
N VAL B 17 12.60 -22.62 -8.21
CA VAL B 17 12.38 -21.78 -7.05
C VAL B 17 12.73 -20.33 -7.33
N GLY B 18 13.92 -20.11 -7.90
CA GLY B 18 14.35 -18.76 -8.19
C GLY B 18 13.36 -18.05 -9.11
N THR B 19 12.91 -18.75 -10.14
CA THR B 19 11.94 -18.17 -11.06
C THR B 19 10.60 -17.90 -10.41
N ILE B 20 10.08 -18.88 -9.70
CA ILE B 20 8.76 -18.73 -9.08
C ILE B 20 8.76 -17.67 -7.98
N ILE B 21 9.90 -17.51 -7.31
CA ILE B 21 9.99 -16.50 -6.27
C ILE B 21 10.76 -15.29 -6.77
N GLY B 22 10.04 -14.20 -7.02
CA GLY B 22 10.68 -12.99 -7.51
C GLY B 22 10.26 -11.76 -6.73
N SER B 23 9.12 -11.19 -7.08
CA SER B 23 8.65 -9.99 -6.39
C SER B 23 7.16 -10.00 -6.10
N GLY B 24 6.44 -11.02 -6.56
CA GLY B 24 4.99 -11.06 -6.33
C GLY B 24 4.66 -11.18 -4.86
N ILE B 25 5.43 -11.98 -4.12
CA ILE B 25 5.14 -12.17 -2.69
C ILE B 25 5.28 -10.88 -1.90
N PHE B 26 6.08 -9.93 -2.38
CA PHE B 26 6.31 -8.69 -1.65
C PHE B 26 5.49 -7.52 -2.18
N VAL B 27 4.70 -7.72 -3.24
CA VAL B 27 3.95 -6.63 -3.83
C VAL B 27 2.46 -6.99 -3.93
N THR B 28 2.18 -8.16 -4.50
CA THR B 28 0.80 -8.56 -4.74
C THR B 28 -0.08 -8.69 -3.49
N PRO B 29 0.44 -8.93 -2.28
CA PRO B 29 -0.47 -8.96 -1.12
C PRO B 29 -1.33 -7.72 -0.95
N THR B 30 -0.78 -6.53 -1.18
CA THR B 30 -1.57 -5.31 -1.04
C THR B 30 -2.72 -5.29 -2.05
N GLY B 31 -2.44 -5.63 -3.30
CA GLY B 31 -3.47 -5.63 -4.32
C GLY B 31 -4.53 -6.69 -4.07
N VAL B 32 -4.12 -7.89 -3.65
CA VAL B 32 -5.09 -8.95 -3.40
C VAL B 32 -5.91 -8.64 -2.16
N LEU B 33 -5.34 -7.94 -1.18
CA LEU B 33 -6.12 -7.55 -0.01
C LEU B 33 -7.11 -6.45 -0.34
N LYS B 34 -6.69 -5.47 -1.13
CA LYS B 34 -7.62 -4.42 -1.55
C LYS B 34 -8.76 -5.00 -2.37
N GLU B 35 -8.50 -6.05 -3.15
CA GLU B 35 -9.49 -6.69 -3.99
C GLU B 35 -10.28 -7.77 -3.27
N ALA B 36 -9.90 -8.14 -2.06
CA ALA B 36 -10.64 -9.13 -1.30
C ALA B 36 -11.04 -8.66 0.09
N GLY B 37 -10.17 -7.91 0.77
CA GLY B 37 -10.49 -7.36 2.07
C GLY B 37 -10.43 -8.38 3.19
N SER B 38 -11.26 -9.42 3.10
CA SER B 38 -11.29 -10.45 4.13
C SER B 38 -9.99 -11.25 4.09
N PRO B 39 -9.23 -11.31 5.19
CA PRO B 39 -7.99 -12.10 5.18
C PRO B 39 -8.22 -13.57 4.85
N GLY B 40 -9.33 -14.14 5.32
CA GLY B 40 -9.64 -15.52 4.97
C GLY B 40 -9.88 -15.69 3.47
N LEU B 41 -10.56 -14.72 2.86
CA LEU B 41 -10.77 -14.78 1.41
C LEU B 41 -9.44 -14.72 0.67
N ALA B 42 -8.53 -13.85 1.10
CA ALA B 42 -7.22 -13.79 0.46
C ALA B 42 -6.46 -15.09 0.63
N LEU B 43 -6.51 -15.68 1.82
CA LEU B 43 -5.80 -16.92 2.06
C LEU B 43 -6.34 -18.05 1.20
N VAL B 44 -7.68 -18.16 1.10
CA VAL B 44 -8.25 -19.23 0.28
C VAL B 44 -7.99 -18.96 -1.20
N VAL B 45 -7.94 -17.69 -1.61
CA VAL B 45 -7.59 -17.37 -3.00
C VAL B 45 -6.17 -17.82 -3.31
N TRP B 46 -5.23 -17.55 -2.39
CA TRP B 46 -3.86 -17.98 -2.61
C TRP B 46 -3.75 -19.50 -2.62
N ALA B 47 -4.51 -20.18 -1.76
CA ALA B 47 -4.51 -21.64 -1.76
C ALA B 47 -5.05 -22.19 -3.07
N ALA B 48 -6.12 -21.58 -3.59
CA ALA B 48 -6.66 -22.02 -4.87
C ALA B 48 -5.67 -21.79 -6.00
N CYS B 49 -4.98 -20.65 -5.98
CA CYS B 49 -3.94 -20.40 -6.98
C CYS B 49 -2.83 -21.45 -6.88
N GLY B 50 -2.44 -21.80 -5.65
CA GLY B 50 -1.39 -22.79 -5.48
C GLY B 50 -1.78 -24.16 -6.01
N VAL B 51 -3.01 -24.60 -5.70
CA VAL B 51 -3.44 -25.91 -6.17
C VAL B 51 -3.61 -25.91 -7.69
N PHE B 52 -4.10 -24.80 -8.25
CA PHE B 52 -4.20 -24.69 -9.71
C PHE B 52 -2.84 -24.77 -10.36
N SER B 53 -1.85 -24.10 -9.78
CA SER B 53 -0.49 -24.14 -10.33
C SER B 53 0.09 -25.54 -10.22
N ILE B 54 -0.18 -26.24 -9.12
CA ILE B 54 0.29 -27.62 -8.96
C ILE B 54 -0.32 -28.51 -10.04
N VAL B 55 -1.62 -28.36 -10.27
CA VAL B 55 -2.30 -29.12 -11.32
C VAL B 55 -1.65 -28.85 -12.68
N GLY B 56 -1.45 -27.57 -13.00
CA GLY B 56 -0.83 -27.24 -14.28
C GLY B 56 0.58 -27.77 -14.42
N ALA B 57 1.36 -27.70 -13.34
CA ALA B 57 2.73 -28.19 -13.37
C ALA B 57 2.77 -29.70 -13.58
N LEU B 58 1.87 -30.44 -12.93
CA LEU B 58 1.82 -31.88 -13.14
C LEU B 58 1.45 -32.21 -14.59
N CYS B 59 0.46 -31.51 -15.14
CA CYS B 59 0.07 -31.77 -16.52
C CYS B 59 1.21 -31.45 -17.48
N TYR B 60 1.91 -30.34 -17.25
CA TYR B 60 3.04 -29.98 -18.10
C TYR B 60 4.20 -30.96 -17.95
N ALA B 61 4.40 -31.51 -16.75
CA ALA B 61 5.41 -32.54 -16.58
C ALA B 61 5.07 -33.77 -17.41
N GLU B 62 3.80 -34.17 -17.40
CA GLU B 62 3.36 -35.28 -18.24
C GLU B 62 3.63 -34.99 -19.71
N LEU B 63 3.26 -33.78 -20.16
CA LEU B 63 3.45 -33.44 -21.56
C LEU B 63 4.93 -33.42 -21.94
N GLY B 64 5.78 -32.86 -21.07
CA GLY B 64 7.20 -32.82 -21.36
C GLY B 64 7.83 -34.20 -21.37
N THR B 65 7.36 -35.09 -20.51
CA THR B 65 7.82 -36.48 -20.56
C THR B 65 7.40 -37.14 -21.86
N THR B 66 6.20 -36.84 -22.34
CA THR B 66 5.73 -37.43 -23.60
C THR B 66 6.58 -36.94 -24.78
N ILE B 67 6.78 -35.63 -24.89
CA ILE B 67 7.52 -35.03 -25.99
C ILE B 67 8.82 -34.47 -25.43
N SER B 68 9.94 -35.10 -25.77
CA SER B 68 11.24 -34.71 -25.24
C SER B 68 11.94 -33.78 -26.24
N LYS B 69 11.41 -32.57 -26.34
CA LYS B 69 11.98 -31.54 -27.20
C LYS B 69 12.05 -30.24 -26.42
N SER B 70 13.10 -29.46 -26.69
CA SER B 70 13.32 -28.21 -25.97
C SER B 70 12.29 -27.16 -26.38
N GLY B 71 12.19 -26.12 -25.55
CA GLY B 71 11.26 -25.04 -25.80
C GLY B 71 9.81 -25.45 -25.60
N GLY B 72 9.42 -25.72 -24.37
CA GLY B 72 8.06 -26.11 -24.08
C GLY B 72 7.08 -24.97 -24.29
N ASP B 73 5.80 -25.36 -24.37
CA ASP B 73 4.65 -24.45 -24.48
C ASP B 73 4.63 -23.87 -25.90
N TYR B 74 5.66 -24.17 -26.69
CA TYR B 74 5.73 -23.75 -28.08
C TYR B 74 6.03 -24.90 -29.03
N ALA B 75 6.90 -25.83 -28.64
CA ALA B 75 7.15 -27.00 -29.46
C ALA B 75 5.93 -27.92 -29.50
N TYR B 76 5.21 -28.01 -28.39
CA TYR B 76 4.02 -28.86 -28.35
C TYR B 76 2.95 -28.36 -29.31
N MET B 77 2.69 -27.05 -29.31
CA MET B 77 1.69 -26.49 -30.20
C MET B 77 2.12 -26.63 -31.66
N LEU B 78 3.41 -26.46 -31.93
CA LEU B 78 3.92 -26.68 -33.29
C LEU B 78 3.71 -28.13 -33.71
N GLU B 79 3.95 -29.08 -32.81
CA GLU B 79 3.77 -30.49 -33.13
C GLU B 79 2.31 -30.82 -33.39
N VAL B 80 1.41 -30.27 -32.59
CA VAL B 80 0.00 -30.68 -32.65
C VAL B 80 -0.77 -29.91 -33.70
N TYR B 81 -0.79 -28.58 -33.63
CA TYR B 81 -1.66 -27.77 -34.47
C TYR B 81 -1.06 -27.41 -35.81
N GLY B 82 0.26 -27.25 -35.89
CA GLY B 82 0.93 -26.91 -37.15
C GLY B 82 1.88 -25.73 -36.97
N SER B 83 1.85 -24.83 -37.94
CA SER B 83 2.77 -23.70 -37.98
C SER B 83 2.13 -22.38 -37.60
N LEU B 84 0.92 -22.11 -38.05
CA LEU B 84 0.30 -20.81 -37.81
C LEU B 84 0.10 -20.50 -36.32
N PRO B 85 -0.53 -21.37 -35.51
CA PRO B 85 -0.70 -21.02 -34.09
C PRO B 85 0.61 -20.84 -33.36
N ALA B 86 1.63 -21.64 -33.69
CA ALA B 86 2.91 -21.53 -33.00
C ALA B 86 3.57 -20.19 -33.25
N PHE B 87 3.63 -19.77 -34.52
CA PHE B 87 4.20 -18.47 -34.83
C PHE B 87 3.35 -17.34 -34.28
N LEU B 88 2.02 -17.51 -34.29
CA LEU B 88 1.14 -16.49 -33.74
C LEU B 88 1.41 -16.27 -32.26
N LYS B 89 1.63 -17.36 -31.52
CA LYS B 89 2.00 -17.23 -30.11
C LYS B 89 3.37 -16.59 -29.96
N LEU B 90 4.35 -17.07 -30.73
CA LEU B 90 5.74 -16.63 -30.55
C LEU B 90 5.91 -15.16 -30.87
N TRP B 91 5.15 -14.66 -31.86
CA TRP B 91 5.31 -13.27 -32.29
C TRP B 91 5.02 -12.30 -31.16
N ILE B 92 3.95 -12.56 -30.39
CA ILE B 92 3.67 -11.72 -29.23
C ILE B 92 4.46 -12.15 -28.01
N GLU B 93 4.91 -13.41 -27.97
CA GLU B 93 5.74 -13.86 -26.85
C GLU B 93 7.06 -13.08 -26.81
N LEU B 94 7.68 -12.87 -27.96
CA LEU B 94 8.97 -12.20 -28.01
C LEU B 94 8.84 -10.68 -28.03
N LEU B 95 7.62 -10.15 -28.01
CA LEU B 95 7.39 -8.71 -27.98
C LEU B 95 6.83 -8.21 -26.66
N ILE B 96 5.81 -8.86 -26.11
CA ILE B 96 5.08 -8.31 -24.97
C ILE B 96 5.36 -9.11 -23.71
N ILE B 97 5.02 -10.40 -23.72
CA ILE B 97 4.99 -11.18 -22.49
C ILE B 97 6.39 -11.34 -21.91
N ARG B 98 7.34 -11.76 -22.74
CA ARG B 98 8.67 -12.06 -22.20
C ARG B 98 9.43 -10.80 -21.84
N PRO B 99 9.61 -9.80 -22.74
CA PRO B 99 10.39 -8.63 -22.36
C PRO B 99 9.58 -7.64 -21.54
N SER B 100 8.79 -8.13 -20.60
CA SER B 100 8.10 -7.31 -19.62
C SER B 100 8.30 -7.81 -18.20
N SER B 101 8.34 -9.12 -18.00
CA SER B 101 8.57 -9.66 -16.65
C SER B 101 9.96 -9.32 -16.16
N GLN B 102 10.97 -9.47 -17.03
CA GLN B 102 12.34 -9.17 -16.62
C GLN B 102 12.50 -7.71 -16.25
N TYR B 103 11.92 -6.80 -17.05
CA TYR B 103 12.04 -5.38 -16.76
C TYR B 103 11.34 -5.02 -15.45
N ILE B 104 10.15 -5.58 -15.22
CA ILE B 104 9.42 -5.29 -13.99
C ILE B 104 10.19 -5.80 -12.78
N VAL B 105 10.73 -7.03 -12.88
CA VAL B 105 11.49 -7.59 -11.77
C VAL B 105 12.74 -6.76 -11.49
N ALA B 106 13.43 -6.34 -12.56
CA ALA B 106 14.62 -5.51 -12.38
C ALA B 106 14.28 -4.17 -11.76
N LEU B 107 13.16 -3.57 -12.17
CA LEU B 107 12.75 -2.28 -11.60
C LEU B 107 12.41 -2.44 -10.13
N VAL B 108 11.72 -3.53 -9.76
CA VAL B 108 11.40 -3.77 -8.36
C VAL B 108 12.68 -3.96 -7.55
N PHE B 109 13.65 -4.70 -8.10
CA PHE B 109 14.93 -4.89 -7.43
C PHE B 109 15.63 -3.57 -7.21
N ALA B 110 15.64 -2.71 -8.23
CA ALA B 110 16.29 -1.40 -8.12
C ALA B 110 15.60 -0.54 -7.07
N THR B 111 14.27 -0.52 -7.08
CA THR B 111 13.54 0.31 -6.13
C THR B 111 13.76 -0.16 -4.69
N TYR B 112 13.72 -1.47 -4.47
CA TYR B 112 13.88 -1.99 -3.12
C TYR B 112 15.32 -1.94 -2.62
N LEU B 113 16.30 -2.00 -3.52
CA LEU B 113 17.69 -1.92 -3.10
C LEU B 113 18.03 -0.54 -2.55
N LEU B 114 17.45 0.52 -3.13
CA LEU B 114 17.71 1.89 -2.71
C LEU B 114 16.77 2.37 -1.63
N LYS B 115 15.89 1.52 -1.13
CA LYS B 115 14.95 1.94 -0.09
C LYS B 115 15.61 2.46 1.19
N PRO B 116 16.67 1.83 1.74
CA PRO B 116 17.27 2.37 2.96
C PRO B 116 17.78 3.79 2.82
N LEU B 117 18.28 4.17 1.64
CA LEU B 117 18.79 5.52 1.47
C LEU B 117 17.67 6.56 1.46
N PHE B 118 16.47 6.17 1.05
CA PHE B 118 15.32 7.07 0.98
C PHE B 118 14.15 6.38 1.70
N PRO B 119 14.15 6.37 3.03
CA PRO B 119 13.10 5.64 3.75
C PRO B 119 11.72 6.25 3.59
N THR B 120 11.60 7.57 3.69
CA THR B 120 10.30 8.25 3.60
C THR B 120 10.06 8.84 2.22
N CYS B 121 10.94 9.72 1.77
CA CYS B 121 10.78 10.32 0.45
C CYS B 121 11.02 9.27 -0.63
N PRO B 122 10.20 9.26 -1.69
CA PRO B 122 10.34 8.23 -2.72
C PRO B 122 11.64 8.39 -3.49
N VAL B 123 12.15 7.25 -3.97
CA VAL B 123 13.41 7.21 -4.72
C VAL B 123 13.18 7.80 -6.11
N PRO B 124 14.17 8.46 -6.70
CA PRO B 124 14.01 8.94 -8.08
C PRO B 124 13.92 7.77 -9.05
N GLU B 125 13.12 7.96 -10.11
CA GLU B 125 12.90 6.89 -11.06
C GLU B 125 14.10 6.68 -11.99
N GLU B 126 14.84 7.75 -12.28
CA GLU B 126 15.99 7.62 -13.19
C GLU B 126 17.05 6.69 -12.59
N ALA B 127 17.33 6.84 -11.30
CA ALA B 127 18.30 5.96 -10.65
C ALA B 127 17.85 4.51 -10.68
N ALA B 128 16.55 4.28 -10.45
CA ALA B 128 16.03 2.92 -10.50
C ALA B 128 16.17 2.34 -11.91
N LYS B 129 15.88 3.14 -12.93
CA LYS B 129 16.04 2.66 -14.30
C LYS B 129 17.49 2.32 -14.61
N LEU B 130 18.42 3.17 -14.18
CA LEU B 130 19.83 2.91 -14.42
C LEU B 130 20.28 1.64 -13.71
N VAL B 131 19.84 1.44 -12.46
CA VAL B 131 20.23 0.24 -11.72
C VAL B 131 19.66 -1.00 -12.37
N ALA B 132 18.41 -0.93 -12.82
CA ALA B 132 17.81 -2.08 -13.51
C ALA B 132 18.56 -2.41 -14.79
N CYS B 133 18.94 -1.38 -15.56
CA CYS B 133 19.71 -1.62 -16.78
C CYS B 133 21.05 -2.26 -16.46
N LEU B 134 21.73 -1.77 -15.41
CA LEU B 134 23.00 -2.36 -15.02
C LEU B 134 22.83 -3.82 -14.62
N CYS B 135 21.78 -4.13 -13.87
CA CYS B 135 21.51 -5.51 -13.47
C CYS B 135 21.29 -6.40 -14.68
N VAL B 136 20.48 -5.93 -15.63
CA VAL B 136 20.20 -6.72 -16.83
C VAL B 136 21.47 -6.96 -17.63
N LEU B 137 22.29 -5.92 -17.79
CA LEU B 137 23.54 -6.08 -18.53
C LEU B 137 24.47 -7.07 -17.86
N LEU B 138 24.63 -6.96 -16.54
CA LEU B 138 25.51 -7.88 -15.83
C LEU B 138 25.01 -9.31 -15.93
N LEU B 139 23.70 -9.50 -15.79
CA LEU B 139 23.15 -10.86 -15.85
C LEU B 139 23.29 -11.47 -17.24
N THR B 140 23.03 -10.69 -18.29
CA THR B 140 23.21 -11.24 -19.62
C THR B 140 24.68 -11.52 -19.91
N ALA B 141 25.59 -10.70 -19.36
CA ALA B 141 27.01 -10.96 -19.55
C ALA B 141 27.43 -12.26 -18.88
N VAL B 142 27.03 -12.47 -17.63
CA VAL B 142 27.43 -13.69 -16.93
C VAL B 142 26.77 -14.91 -17.57
N ASN B 143 25.53 -14.76 -18.05
CA ASN B 143 24.87 -15.86 -18.75
C ASN B 143 25.60 -16.22 -20.04
N CYS B 144 26.06 -15.20 -20.79
CA CYS B 144 26.79 -15.48 -22.02
C CYS B 144 28.16 -16.07 -21.74
N TYR B 145 28.77 -15.71 -20.60
CA TYR B 145 30.13 -16.18 -20.31
C TYR B 145 30.18 -17.70 -20.16
N SER B 146 29.21 -18.29 -19.48
CA SER B 146 29.20 -19.73 -19.27
C SER B 146 27.82 -20.16 -18.82
N VAL B 147 27.65 -21.47 -18.66
CA VAL B 147 26.41 -22.06 -18.21
C VAL B 147 26.49 -22.48 -16.74
N LYS B 148 27.63 -23.05 -16.34
CA LYS B 148 27.80 -23.50 -14.96
C LYS B 148 27.74 -22.32 -13.99
N ALA B 149 28.32 -21.18 -14.37
CA ALA B 149 28.30 -20.01 -13.50
C ALA B 149 26.88 -19.54 -13.25
N ALA B 150 26.04 -19.55 -14.30
CA ALA B 150 24.65 -19.15 -14.13
C ALA B 150 23.92 -20.08 -13.16
N THR B 151 24.17 -21.39 -13.27
CA THR B 151 23.56 -22.34 -12.35
C THR B 151 24.01 -22.10 -10.92
N ARG B 152 25.31 -21.85 -10.72
CA ARG B 152 25.81 -21.59 -9.38
C ARG B 152 25.18 -20.33 -8.79
N VAL B 153 25.07 -19.27 -9.60
CA VAL B 153 24.41 -18.05 -9.14
C VAL B 153 22.96 -18.32 -8.78
N GLN B 154 22.27 -19.10 -9.60
CA GLN B 154 20.87 -19.41 -9.32
C GLN B 154 20.72 -20.16 -8.01
N ASP B 155 21.56 -21.17 -7.77
CA ASP B 155 21.48 -21.90 -6.51
C ASP B 155 21.79 -21.00 -5.32
N ALA B 156 22.82 -20.15 -5.44
CA ALA B 156 23.16 -19.27 -4.33
C ALA B 156 22.01 -18.33 -3.99
N PHE B 157 21.40 -17.72 -5.00
CA PHE B 157 20.32 -16.78 -4.74
C PHE B 157 19.05 -17.48 -4.28
N ALA B 158 18.79 -18.70 -4.77
CA ALA B 158 17.67 -19.47 -4.26
C ALA B 158 17.84 -19.78 -2.78
N ALA B 159 19.06 -20.18 -2.39
CA ALA B 159 19.31 -20.43 -0.98
C ALA B 159 19.13 -19.16 -0.15
N ALA B 160 19.62 -18.03 -0.67
CA ALA B 160 19.48 -16.77 0.07
C ALA B 160 18.01 -16.40 0.27
N LYS B 161 17.21 -16.51 -0.79
CA LYS B 161 15.79 -16.14 -0.66
C LYS B 161 15.03 -17.13 0.21
N LEU B 162 15.40 -18.42 0.17
CA LEU B 162 14.77 -19.39 1.06
C LEU B 162 15.09 -19.06 2.51
N LEU B 163 16.34 -18.70 2.80
CA LEU B 163 16.70 -18.30 4.17
C LEU B 163 15.94 -17.05 4.59
N ALA B 164 15.78 -16.09 3.68
CA ALA B 164 15.03 -14.89 3.99
C ALA B 164 13.58 -15.21 4.35
N LEU B 165 12.94 -16.07 3.55
CA LEU B 165 11.56 -16.44 3.82
C LEU B 165 11.45 -17.22 5.13
N ALA B 166 12.43 -18.08 5.41
CA ALA B 166 12.43 -18.81 6.68
C ALA B 166 12.55 -17.86 7.86
N LEU B 167 13.40 -16.83 7.74
CA LEU B 167 13.52 -15.84 8.80
C LEU B 167 12.20 -15.09 9.00
N ILE B 168 11.53 -14.72 7.90
CA ILE B 168 10.24 -14.04 8.01
C ILE B 168 9.23 -14.92 8.73
N ILE B 169 9.19 -16.21 8.35
CA ILE B 169 8.25 -17.14 8.99
C ILE B 169 8.56 -17.28 10.47
N LEU B 170 9.84 -17.37 10.82
CA LEU B 170 10.22 -17.49 12.22
C LEU B 170 9.81 -16.27 13.02
N LEU B 171 10.01 -15.07 12.45
CA LEU B 171 9.59 -13.85 13.14
C LEU B 171 8.08 -13.82 13.33
N GLY B 172 7.33 -14.21 12.29
CA GLY B 172 5.88 -14.26 12.43
C GLY B 172 5.42 -15.24 13.50
N PHE B 173 6.04 -16.42 13.53
CA PHE B 173 5.68 -17.42 14.54
C PHE B 173 6.02 -16.93 15.94
N VAL B 174 7.17 -16.25 16.10
CA VAL B 174 7.54 -15.70 17.39
C VAL B 174 6.52 -14.65 17.83
N GLN B 175 6.10 -13.79 16.90
CA GLN B 175 5.08 -12.79 17.24
C GLN B 175 3.77 -13.46 17.64
N ILE B 176 3.38 -14.53 16.94
CA ILE B 176 2.16 -15.25 17.29
C ILE B 176 2.28 -15.84 18.69
N GLY B 177 3.43 -16.44 19.01
CA GLY B 177 3.61 -17.12 20.28
C GLY B 177 3.78 -16.21 21.48
N LYS B 178 3.97 -14.90 21.26
CA LYS B 178 4.12 -13.97 22.37
C LYS B 178 2.86 -13.81 23.20
N GLY B 179 1.71 -14.24 22.69
CA GLY B 179 0.46 -14.14 23.42
C GLY B 179 -0.40 -12.98 22.99
N ASP B 180 -0.43 -12.70 21.68
CA ASP B 180 -1.22 -11.63 21.11
C ASP B 180 -2.11 -12.18 20.00
N VAL B 181 -3.33 -11.69 19.93
CA VAL B 181 -4.29 -12.13 18.92
C VAL B 181 -4.59 -10.97 17.98
N SER B 182 -5.37 -11.25 16.93
CA SER B 182 -5.74 -10.25 15.94
C SER B 182 -7.08 -10.65 15.33
N ASN B 183 -7.42 -10.01 14.22
CA ASN B 183 -8.66 -10.30 13.51
C ASN B 183 -8.63 -11.64 12.78
N LEU B 184 -7.57 -12.44 12.95
CA LEU B 184 -7.50 -13.74 12.28
C LEU B 184 -8.59 -14.68 12.79
N ASP B 185 -8.83 -14.71 14.10
CA ASP B 185 -9.91 -15.55 14.62
C ASP B 185 -11.28 -15.08 14.13
N PRO B 186 -11.67 -13.80 14.24
CA PRO B 186 -12.94 -13.36 13.64
C PRO B 186 -12.78 -12.85 12.20
N ASN B 187 -12.28 -13.72 11.33
CA ASN B 187 -12.11 -13.35 9.94
C ASN B 187 -13.46 -13.35 9.23
N PHE B 188 -13.43 -13.05 7.93
CA PHE B 188 -14.62 -12.96 7.08
C PHE B 188 -15.61 -11.91 7.57
N SER B 189 -15.14 -10.94 8.34
CA SER B 189 -16.02 -9.92 8.90
C SER B 189 -16.58 -9.02 7.80
N PHE B 190 -15.75 -8.66 6.81
CA PHE B 190 -16.16 -7.72 5.79
C PHE B 190 -16.66 -8.46 4.55
N GLU B 191 -15.83 -9.34 3.99
CA GLU B 191 -16.23 -10.27 2.92
C GLU B 191 -16.91 -9.56 1.77
N GLY B 192 -16.44 -8.36 1.44
CA GLY B 192 -17.05 -7.61 0.37
C GLY B 192 -16.78 -8.22 -0.99
N THR B 193 -17.65 -7.88 -1.94
CA THR B 193 -17.60 -8.42 -3.31
C THR B 193 -17.61 -9.95 -3.30
N LYS B 194 -18.32 -10.52 -2.32
CA LYS B 194 -18.43 -11.97 -2.24
C LYS B 194 -19.17 -12.53 -3.45
N LEU B 195 -20.24 -11.87 -3.87
CA LEU B 195 -20.99 -12.27 -5.04
C LEU B 195 -20.53 -11.59 -6.31
N ASP B 196 -19.59 -10.65 -6.22
CA ASP B 196 -19.06 -9.95 -7.39
C ASP B 196 -17.87 -10.75 -7.91
N VAL B 197 -18.10 -11.52 -8.98
CA VAL B 197 -17.04 -12.38 -9.51
C VAL B 197 -15.96 -11.55 -10.20
N GLY B 198 -16.27 -10.33 -10.60
CA GLY B 198 -15.27 -9.50 -11.24
C GLY B 198 -14.08 -9.21 -10.34
N ASN B 199 -14.34 -8.82 -9.10
CA ASN B 199 -13.26 -8.59 -8.16
C ASN B 199 -12.55 -9.89 -7.81
N ILE B 200 -13.27 -11.01 -7.80
CA ILE B 200 -12.66 -12.30 -7.50
C ILE B 200 -11.64 -12.65 -8.58
N VAL B 201 -12.02 -12.52 -9.86
CA VAL B 201 -11.07 -12.83 -10.92
C VAL B 201 -9.96 -11.77 -10.97
N LEU B 202 -10.26 -10.53 -10.58
CA LEU B 202 -9.21 -9.53 -10.51
C LEU B 202 -8.14 -9.91 -9.48
N ALA B 203 -8.56 -10.41 -8.32
CA ALA B 203 -7.61 -10.87 -7.32
C ALA B 203 -6.90 -12.14 -7.80
N LEU B 204 -7.61 -13.02 -8.48
CA LEU B 204 -7.00 -14.24 -9.00
C LEU B 204 -5.93 -13.92 -10.04
N TYR B 205 -6.09 -12.83 -10.79
CA TYR B 205 -5.05 -12.42 -11.72
C TYR B 205 -3.73 -12.15 -11.01
N SER B 206 -3.77 -11.36 -9.93
CA SER B 206 -2.56 -11.09 -9.17
C SER B 206 -2.02 -12.35 -8.51
N GLY B 207 -2.91 -13.19 -7.99
CA GLY B 207 -2.46 -14.44 -7.38
C GLY B 207 -1.75 -15.33 -8.37
N LEU B 208 -2.27 -15.44 -9.59
CA LEU B 208 -1.63 -16.25 -10.61
C LEU B 208 -0.32 -15.62 -11.09
N PHE B 209 -0.28 -14.28 -11.15
CA PHE B 209 0.98 -13.62 -11.51
C PHE B 209 2.06 -13.91 -10.49
N ALA B 210 1.70 -13.92 -9.20
CA ALA B 210 2.67 -14.28 -8.17
C ALA B 210 3.14 -15.72 -8.29
N TYR B 211 2.40 -16.57 -8.98
CA TYR B 211 2.75 -17.97 -9.17
C TYR B 211 3.39 -18.23 -10.54
N GLY B 212 3.71 -17.19 -11.29
CA GLY B 212 4.22 -17.38 -12.63
C GLY B 212 5.59 -18.01 -12.66
N GLY B 213 5.93 -18.55 -13.82
CA GLY B 213 7.21 -19.21 -14.02
C GLY B 213 7.25 -20.68 -13.65
N TRP B 214 6.11 -21.28 -13.32
CA TRP B 214 6.08 -22.69 -12.93
C TRP B 214 6.35 -23.63 -14.09
N ASN B 215 6.25 -23.17 -15.33
CA ASN B 215 6.46 -24.01 -16.50
C ASN B 215 7.73 -23.66 -17.26
N TYR B 216 8.65 -22.91 -16.64
CA TYR B 216 9.85 -22.47 -17.33
C TYR B 216 10.86 -23.59 -17.51
N LEU B 217 10.77 -24.65 -16.71
CA LEU B 217 11.71 -25.75 -16.86
C LEU B 217 11.53 -26.49 -18.18
N ASN B 218 10.30 -26.50 -18.72
CA ASN B 218 10.05 -27.15 -19.99
C ASN B 218 10.76 -26.44 -21.14
N PHE B 219 11.04 -25.15 -20.99
CA PHE B 219 11.78 -24.42 -22.02
C PHE B 219 13.21 -24.92 -22.15
N VAL B 220 13.84 -25.25 -21.03
CA VAL B 220 15.26 -25.56 -21.00
C VAL B 220 15.49 -27.08 -21.00
N THR B 221 14.45 -27.87 -21.26
CA THR B 221 14.64 -29.31 -21.36
C THR B 221 15.49 -29.65 -22.60
N GLU B 222 15.76 -30.93 -22.78
CA GLU B 222 16.72 -31.43 -23.76
C GLU B 222 18.14 -30.98 -23.46
N GLU B 223 18.37 -30.36 -22.30
CA GLU B 223 19.68 -29.91 -21.88
C GLU B 223 20.03 -30.41 -20.48
N MET B 224 19.14 -31.16 -19.84
CA MET B 224 19.37 -31.69 -18.50
C MET B 224 19.62 -33.18 -18.55
N ILE B 225 20.42 -33.68 -17.61
CA ILE B 225 20.80 -35.08 -17.59
C ILE B 225 19.62 -35.92 -17.17
N ASN B 226 19.30 -36.93 -18.00
CA ASN B 226 18.20 -37.87 -17.75
C ASN B 226 16.89 -37.14 -17.48
N PRO B 227 16.34 -36.44 -18.48
CA PRO B 227 15.11 -35.67 -18.23
C PRO B 227 13.92 -36.53 -17.82
N TYR B 228 13.82 -37.76 -18.33
CA TYR B 228 12.64 -38.59 -18.12
C TYR B 228 12.35 -38.80 -16.64
N ARG B 229 13.39 -38.88 -15.81
CA ARG B 229 13.23 -39.05 -14.38
C ARG B 229 13.39 -37.74 -13.61
N ASN B 230 14.27 -36.85 -14.09
CA ASN B 230 14.58 -35.64 -13.34
C ASN B 230 13.49 -34.57 -13.43
N LEU B 231 12.77 -34.50 -14.57
CA LEU B 231 11.80 -33.41 -14.74
C LEU B 231 10.60 -33.55 -13.79
N PRO B 232 9.82 -34.64 -13.84
CA PRO B 232 8.67 -34.72 -12.93
C PRO B 232 9.07 -34.69 -11.46
N LEU B 233 10.20 -35.30 -11.12
CA LEU B 233 10.67 -35.28 -9.74
C LEU B 233 10.95 -33.85 -9.29
N ALA B 234 11.63 -33.07 -10.15
CA ALA B 234 11.91 -31.68 -9.80
C ALA B 234 10.63 -30.87 -9.65
N ILE B 235 9.67 -31.07 -10.55
CA ILE B 235 8.43 -30.29 -10.49
C ILE B 235 7.65 -30.61 -9.21
N ILE B 236 7.52 -31.91 -8.89
CA ILE B 236 6.77 -32.29 -7.70
C ILE B 236 7.51 -31.96 -6.42
N ILE B 237 8.85 -31.85 -6.47
CA ILE B 237 9.59 -31.37 -5.31
C ILE B 237 9.37 -29.88 -5.12
N SER B 238 9.33 -29.12 -6.21
CA SER B 238 9.37 -27.67 -6.11
C SER B 238 8.00 -27.07 -5.81
N LEU B 239 6.96 -27.49 -6.52
CA LEU B 239 5.68 -26.76 -6.46
C LEU B 239 5.06 -26.73 -5.06
N PRO B 240 4.86 -27.86 -4.36
CA PRO B 240 4.24 -27.79 -3.03
C PRO B 240 5.03 -26.96 -2.03
N ILE B 241 6.36 -26.96 -2.13
CA ILE B 241 7.17 -26.12 -1.26
C ILE B 241 6.85 -24.65 -1.49
N VAL B 242 6.72 -24.27 -2.77
CA VAL B 242 6.39 -22.88 -3.09
C VAL B 242 5.02 -22.52 -2.54
N THR B 243 4.04 -23.41 -2.71
CA THR B 243 2.70 -23.13 -2.21
C THR B 243 2.71 -22.97 -0.69
N LEU B 244 3.40 -23.87 0.02
CA LEU B 244 3.46 -23.80 1.47
C LEU B 244 4.14 -22.52 1.92
N VAL B 245 5.24 -22.14 1.27
CA VAL B 245 5.95 -20.92 1.65
C VAL B 245 5.06 -19.70 1.44
N TYR B 246 4.34 -19.65 0.31
CA TYR B 246 3.47 -18.51 0.05
C TYR B 246 2.36 -18.41 1.09
N VAL B 247 1.70 -19.52 1.41
CA VAL B 247 0.58 -19.44 2.35
C VAL B 247 1.08 -19.12 3.75
N LEU B 248 2.24 -19.67 4.14
CA LEU B 248 2.79 -19.36 5.45
C LEU B 248 3.19 -17.89 5.55
N THR B 249 3.79 -17.34 4.49
CA THR B 249 4.16 -15.93 4.51
C THR B 249 2.93 -15.04 4.58
N ASN B 250 1.88 -15.38 3.82
CA ASN B 250 0.65 -14.60 3.89
C ASN B 250 0.04 -14.65 5.28
N LEU B 251 0.06 -15.82 5.91
CA LEU B 251 -0.45 -15.92 7.28
C LEU B 251 0.38 -15.09 8.25
N ALA B 252 1.71 -15.15 8.12
CA ALA B 252 2.57 -14.43 9.05
C ALA B 252 2.49 -12.92 8.84
N TYR B 253 2.13 -12.48 7.64
CA TYR B 253 2.00 -11.04 7.41
C TYR B 253 0.89 -10.43 8.27
N PHE B 254 -0.27 -11.07 8.31
CA PHE B 254 -1.44 -10.47 8.96
C PHE B 254 -1.31 -10.44 10.47
N THR B 255 -0.51 -11.33 11.06
CA THR B 255 -0.42 -11.38 12.52
C THR B 255 0.29 -10.16 13.11
N THR B 256 1.03 -9.40 12.29
CA THR B 256 1.76 -8.24 12.75
C THR B 256 1.07 -6.92 12.37
N LEU B 257 0.68 -6.79 11.11
CA LEU B 257 0.08 -5.55 10.61
C LEU B 257 -1.43 -5.71 10.52
N SER B 258 -2.15 -4.65 10.91
CA SER B 258 -3.60 -4.65 10.81
C SER B 258 -4.03 -4.51 9.35
N THR B 259 -5.32 -4.81 9.11
CA THR B 259 -5.83 -4.75 7.75
C THR B 259 -5.78 -3.34 7.19
N GLU B 260 -6.18 -2.34 7.97
CA GLU B 260 -6.22 -0.97 7.48
C GLU B 260 -4.81 -0.45 7.21
N GLN B 261 -3.85 -0.76 8.09
CA GLN B 261 -2.49 -0.29 7.88
C GLN B 261 -1.81 -1.03 6.75
N MET B 262 -2.17 -2.30 6.53
CA MET B 262 -1.66 -3.02 5.36
C MET B 262 -2.20 -2.42 4.08
N LEU B 263 -3.51 -2.11 4.04
CA LEU B 263 -4.10 -1.53 2.84
C LEU B 263 -3.52 -0.14 2.57
N SER B 264 -3.31 0.66 3.61
CA SER B 264 -2.78 2.00 3.44
C SER B 264 -1.29 2.01 3.12
N SER B 265 -0.57 0.95 3.43
CA SER B 265 0.87 0.93 3.23
C SER B 265 1.21 0.65 1.77
N GLU B 266 2.47 0.89 1.42
CA GLU B 266 2.98 0.63 0.08
C GLU B 266 4.08 -0.43 0.03
N ALA B 267 4.79 -0.66 1.14
CA ALA B 267 5.83 -1.68 1.22
C ALA B 267 5.60 -2.45 2.51
N VAL B 268 4.84 -3.56 2.41
CA VAL B 268 4.48 -4.32 3.60
C VAL B 268 5.71 -4.94 4.24
N ALA B 269 6.68 -5.36 3.42
CA ALA B 269 7.91 -5.94 3.97
C ALA B 269 8.69 -4.91 4.77
N VAL B 270 8.76 -3.68 4.27
CA VAL B 270 9.48 -2.62 4.98
C VAL B 270 8.81 -2.34 6.32
N ASP B 271 7.48 -2.26 6.33
CA ASP B 271 6.76 -2.01 7.57
C ASP B 271 6.96 -3.16 8.56
N PHE B 272 6.92 -4.40 8.07
CA PHE B 272 7.14 -5.55 8.94
C PHE B 272 8.54 -5.50 9.55
N GLY B 273 9.55 -5.21 8.73
CA GLY B 273 10.90 -5.11 9.25
C GLY B 273 11.07 -3.99 10.26
N ASN B 274 10.47 -2.83 9.98
CA ASN B 274 10.56 -1.71 10.93
C ASN B 274 9.89 -2.05 12.25
N TYR B 275 8.72 -2.70 12.19
CA TYR B 275 8.01 -3.03 13.41
C TYR B 275 8.76 -4.07 14.23
N HIS B 276 9.26 -5.12 13.58
CA HIS B 276 9.87 -6.23 14.30
C HIS B 276 11.34 -6.00 14.64
N LEU B 277 12.00 -5.02 14.04
CA LEU B 277 13.40 -4.76 14.30
C LEU B 277 13.67 -3.37 14.85
N GLY B 278 13.10 -2.34 14.22
CA GLY B 278 13.40 -0.97 14.62
C GLY B 278 14.78 -0.55 14.14
N VAL B 279 15.81 -1.17 14.70
CA VAL B 279 17.17 -0.98 14.25
C VAL B 279 17.60 -2.22 13.47
N MET B 280 18.60 -2.06 12.61
CA MET B 280 18.97 -3.09 11.63
C MET B 280 17.75 -3.57 10.84
N SER B 281 16.92 -2.61 10.41
CA SER B 281 15.70 -2.92 9.68
C SER B 281 15.90 -2.90 8.17
N TRP B 282 17.13 -2.73 7.69
CA TRP B 282 17.42 -2.67 6.26
C TRP B 282 17.66 -4.04 5.65
N ILE B 283 17.56 -5.12 6.44
CA ILE B 283 17.83 -6.46 5.93
C ILE B 283 16.77 -6.86 4.92
N ILE B 284 15.50 -6.56 5.21
CA ILE B 284 14.41 -7.04 4.37
C ILE B 284 14.48 -6.49 2.93
N PRO B 285 14.67 -5.19 2.71
CA PRO B 285 14.80 -4.73 1.31
C PRO B 285 15.98 -5.34 0.58
N VAL B 286 17.10 -5.57 1.27
CA VAL B 286 18.25 -6.21 0.65
C VAL B 286 17.90 -7.63 0.21
N PHE B 287 17.22 -8.38 1.08
CA PHE B 287 16.83 -9.74 0.73
C PHE B 287 15.84 -9.75 -0.42
N VAL B 288 14.92 -8.78 -0.45
CA VAL B 288 13.97 -8.68 -1.55
C VAL B 288 14.71 -8.42 -2.87
N GLY B 289 15.70 -7.52 -2.83
CA GLY B 289 16.48 -7.25 -4.02
C GLY B 289 17.24 -8.47 -4.50
N LEU B 290 17.81 -9.24 -3.56
CA LEU B 290 18.51 -10.47 -3.94
C LEU B 290 17.55 -11.47 -4.58
N SER B 291 16.36 -11.60 -4.02
CA SER B 291 15.37 -12.52 -4.60
C SER B 291 14.99 -12.10 -6.01
N CYS B 292 14.78 -10.80 -6.23
CA CYS B 292 14.44 -10.32 -7.57
C CYS B 292 15.59 -10.55 -8.54
N PHE B 293 16.82 -10.34 -8.08
CA PHE B 293 18.00 -10.61 -8.90
C PHE B 293 18.03 -12.07 -9.35
N GLY B 294 17.82 -12.99 -8.41
CA GLY B 294 17.78 -14.39 -8.77
C GLY B 294 16.66 -14.71 -9.75
N SER B 295 15.49 -14.10 -9.54
CA SER B 295 14.35 -14.37 -10.42
C SER B 295 14.62 -13.94 -11.85
N VAL B 296 15.16 -12.73 -12.03
CA VAL B 296 15.42 -12.25 -13.38
C VAL B 296 16.54 -13.06 -14.03
N ASN B 297 17.55 -13.45 -13.24
CA ASN B 297 18.60 -14.30 -13.79
C ASN B 297 18.02 -15.63 -14.27
N GLY B 298 17.09 -16.20 -13.51
CA GLY B 298 16.45 -17.43 -13.96
C GLY B 298 15.61 -17.24 -15.21
N SER B 299 14.91 -16.11 -15.30
CA SER B 299 14.03 -15.89 -16.44
C SER B 299 14.81 -15.70 -17.73
N LEU B 300 15.97 -15.04 -17.66
CA LEU B 300 16.74 -14.76 -18.87
C LEU B 300 17.19 -16.05 -19.55
N PHE B 301 17.62 -17.04 -18.76
CA PHE B 301 18.06 -18.31 -19.33
C PHE B 301 16.97 -18.97 -20.14
N THR B 302 15.76 -19.09 -19.57
CA THR B 302 14.66 -19.72 -20.26
C THR B 302 14.25 -18.94 -21.50
N SER B 303 14.25 -17.60 -21.41
CA SER B 303 13.90 -16.80 -22.58
C SER B 303 14.90 -17.02 -23.72
N SER B 304 16.20 -17.05 -23.39
CA SER B 304 17.21 -17.28 -24.41
C SER B 304 17.05 -18.65 -25.03
N ARG B 305 16.79 -19.68 -24.22
CA ARG B 305 16.61 -21.02 -24.77
C ARG B 305 15.38 -21.10 -25.67
N LEU B 306 14.29 -20.44 -25.27
CA LEU B 306 13.10 -20.43 -26.10
C LEU B 306 13.35 -19.76 -27.44
N PHE B 307 14.07 -18.64 -27.44
CA PHE B 307 14.40 -17.99 -28.70
C PHE B 307 15.35 -18.84 -29.54
N PHE B 308 16.23 -19.60 -28.88
CA PHE B 308 17.13 -20.49 -29.60
C PHE B 308 16.36 -21.58 -30.33
N VAL B 309 15.48 -22.28 -29.61
CA VAL B 309 14.79 -23.41 -30.22
C VAL B 309 13.84 -22.97 -31.32
N GLY B 310 13.21 -21.80 -31.17
CA GLY B 310 12.26 -21.35 -32.17
C GLY B 310 12.91 -21.06 -33.52
N SER B 311 14.13 -20.56 -33.51
CA SER B 311 14.80 -20.17 -34.75
C SER B 311 15.19 -21.39 -35.60
N ARG B 312 15.25 -22.58 -35.00
CA ARG B 312 15.61 -23.76 -35.76
C ARG B 312 14.54 -24.20 -36.74
N GLU B 313 13.30 -23.75 -36.54
CA GLU B 313 12.18 -24.13 -37.40
C GLU B 313 11.94 -23.15 -38.53
N GLY B 314 12.79 -22.13 -38.67
CA GLY B 314 12.63 -21.15 -39.72
C GLY B 314 11.71 -20.00 -39.41
N HIS B 315 11.08 -19.99 -38.22
CA HIS B 315 10.21 -18.88 -37.85
C HIS B 315 11.00 -17.62 -37.50
N LEU B 316 12.29 -17.75 -37.26
CA LEU B 316 13.17 -16.64 -36.90
C LEU B 316 14.38 -16.63 -37.82
N PRO B 317 15.05 -15.48 -37.95
CA PRO B 317 16.23 -15.43 -38.81
C PRO B 317 17.31 -16.40 -38.37
N SER B 318 18.06 -16.93 -39.35
CA SER B 318 19.06 -17.94 -39.10
C SER B 318 20.23 -17.43 -38.26
N ILE B 319 20.36 -16.10 -38.09
CA ILE B 319 21.41 -15.59 -37.22
C ILE B 319 21.18 -16.03 -35.78
N LEU B 320 19.92 -16.14 -35.37
CA LEU B 320 19.61 -16.75 -34.09
C LEU B 320 19.78 -18.27 -34.19
N SER B 321 19.80 -18.92 -33.03
CA SER B 321 20.08 -20.36 -32.94
C SER B 321 21.41 -20.69 -33.57
N MET B 322 22.44 -19.91 -33.24
CA MET B 322 23.75 -20.02 -33.85
C MET B 322 24.78 -20.10 -32.71
N ILE B 323 25.20 -21.32 -32.39
CA ILE B 323 26.01 -21.53 -31.20
C ILE B 323 27.44 -21.05 -31.44
N HIS B 324 28.15 -20.80 -30.34
CA HIS B 324 29.51 -20.29 -30.26
C HIS B 324 30.47 -21.42 -29.88
N PRO B 325 31.63 -21.51 -30.56
CA PRO B 325 32.58 -22.59 -30.22
C PRO B 325 33.28 -22.33 -28.91
N GLN B 326 34.24 -23.20 -28.55
CA GLN B 326 34.90 -23.15 -27.25
C GLN B 326 33.84 -23.22 -26.15
N LEU B 327 33.51 -22.09 -25.53
CA LEU B 327 32.37 -22.05 -24.63
C LEU B 327 31.08 -22.18 -25.43
N LEU B 328 30.20 -23.09 -24.98
CA LEU B 328 28.97 -23.40 -25.70
C LEU B 328 27.84 -22.56 -25.11
N THR B 329 27.54 -21.44 -25.77
CA THR B 329 26.46 -20.56 -25.36
C THR B 329 25.80 -19.95 -26.58
N PRO B 330 24.48 -19.75 -26.55
CA PRO B 330 23.78 -19.05 -27.64
C PRO B 330 23.85 -17.53 -27.50
N VAL B 331 24.99 -16.97 -27.93
CA VAL B 331 25.22 -15.54 -27.73
C VAL B 331 24.21 -14.67 -28.43
N PRO B 332 23.87 -14.87 -29.71
CA PRO B 332 22.90 -13.95 -30.35
C PRO B 332 21.54 -13.95 -29.69
N SER B 333 21.06 -15.10 -29.21
CA SER B 333 19.77 -15.13 -28.54
C SER B 333 19.80 -14.32 -27.24
N LEU B 334 20.86 -14.46 -26.46
CA LEU B 334 20.99 -13.70 -25.23
C LEU B 334 21.09 -12.21 -25.52
N VAL B 335 21.85 -11.82 -26.54
CA VAL B 335 21.97 -10.42 -26.89
C VAL B 335 20.62 -9.85 -27.32
N PHE B 336 19.88 -10.61 -28.13
CA PHE B 336 18.55 -10.16 -28.57
C PHE B 336 17.61 -10.01 -27.38
N THR B 337 17.61 -10.97 -26.46
CA THR B 337 16.76 -10.86 -25.29
C THR B 337 17.13 -9.65 -24.44
N CYS B 338 18.43 -9.42 -24.24
CA CYS B 338 18.87 -8.29 -23.43
C CYS B 338 18.46 -6.96 -24.08
N VAL B 339 18.66 -6.84 -25.39
CA VAL B 339 18.34 -5.57 -26.05
C VAL B 339 16.84 -5.34 -26.09
N MET B 340 16.04 -6.40 -26.21
CA MET B 340 14.60 -6.23 -26.18
C MET B 340 14.10 -5.87 -24.79
N THR B 341 14.71 -6.45 -23.75
CA THR B 341 14.32 -6.10 -22.38
C THR B 341 14.61 -4.64 -22.07
N LEU B 342 15.78 -4.16 -22.52
CA LEU B 342 16.16 -2.76 -22.25
C LEU B 342 15.22 -1.78 -22.93
N LEU B 343 14.60 -2.18 -24.05
CA LEU B 343 13.78 -1.26 -24.83
C LEU B 343 12.54 -0.80 -24.07
N TYR B 344 12.16 -1.50 -23.00
CA TYR B 344 10.98 -1.15 -22.23
C TYR B 344 11.26 -0.08 -21.18
N ALA B 345 12.51 0.37 -21.04
CA ALA B 345 12.81 1.46 -20.13
C ALA B 345 12.15 2.77 -20.57
N PHE B 346 11.87 2.92 -21.86
CA PHE B 346 11.20 4.12 -22.37
C PHE B 346 9.68 3.98 -22.24
N SER B 347 9.23 3.80 -21.00
CA SER B 347 7.82 3.59 -20.75
C SER B 347 7.45 4.16 -19.38
N LYS B 348 6.17 4.47 -19.23
CA LYS B 348 5.61 4.90 -17.96
C LYS B 348 5.33 3.66 -17.11
N ASP B 349 4.53 3.83 -16.06
CA ASP B 349 4.16 2.71 -15.21
C ASP B 349 3.58 1.59 -16.06
N ILE B 350 4.14 0.38 -15.90
CA ILE B 350 3.78 -0.77 -16.71
C ILE B 350 3.05 -1.83 -15.92
N PHE B 351 3.09 -1.78 -14.58
CA PHE B 351 2.49 -2.82 -13.76
C PHE B 351 1.00 -2.94 -14.02
N SER B 352 0.31 -1.79 -14.15
CA SER B 352 -1.12 -1.81 -14.42
C SER B 352 -1.42 -2.53 -15.73
N VAL B 353 -0.46 -2.50 -16.66
CA VAL B 353 -0.64 -3.12 -17.97
C VAL B 353 -0.24 -4.60 -17.96
N ILE B 354 0.45 -5.06 -16.92
CA ILE B 354 0.94 -6.44 -16.93
C ILE B 354 -0.22 -7.43 -16.90
N ASN B 355 -1.39 -7.01 -16.41
CA ASN B 355 -2.55 -7.89 -16.44
C ASN B 355 -3.07 -8.06 -17.87
N PHE B 356 -2.81 -7.08 -18.72
CA PHE B 356 -3.14 -7.20 -20.14
C PHE B 356 -2.39 -8.38 -20.75
N PHE B 357 -3.08 -9.10 -21.63
CA PHE B 357 -2.62 -10.27 -22.38
C PHE B 357 -2.52 -11.51 -21.50
N SER B 358 -2.87 -11.44 -20.21
CA SER B 358 -2.90 -12.64 -19.38
C SER B 358 -3.95 -13.62 -19.88
N PHE B 359 -5.01 -13.11 -20.50
CA PHE B 359 -6.05 -13.98 -21.05
C PHE B 359 -5.47 -14.90 -22.12
N PHE B 360 -4.68 -14.35 -23.03
CA PHE B 360 -4.06 -15.17 -24.08
C PHE B 360 -3.02 -16.10 -23.48
N ASN B 361 -2.27 -15.63 -22.47
CA ASN B 361 -1.26 -16.44 -21.82
C ASN B 361 -1.87 -17.69 -21.21
N TRP B 362 -3.02 -17.54 -20.54
CA TRP B 362 -3.68 -18.70 -19.97
C TRP B 362 -4.50 -19.45 -21.01
N LEU B 363 -4.79 -18.83 -22.15
CA LEU B 363 -5.48 -19.53 -23.23
C LEU B 363 -4.57 -20.53 -23.92
N CYS B 364 -3.33 -20.13 -24.19
CA CYS B 364 -2.39 -21.01 -24.89
C CYS B 364 -2.13 -22.28 -24.09
N VAL B 365 -2.10 -22.16 -22.76
CA VAL B 365 -1.91 -23.30 -21.88
C VAL B 365 -3.07 -24.27 -22.09
N ALA B 366 -4.28 -23.73 -22.19
CA ALA B 366 -5.47 -24.57 -22.37
C ALA B 366 -5.39 -25.36 -23.66
N LEU B 367 -4.98 -24.70 -24.76
CA LEU B 367 -4.85 -25.41 -26.03
C LEU B 367 -3.75 -26.46 -25.97
N ALA B 368 -2.70 -26.20 -25.18
CA ALA B 368 -1.63 -27.18 -25.04
C ALA B 368 -2.15 -28.47 -24.39
N ILE B 369 -3.01 -28.34 -23.38
CA ILE B 369 -3.57 -29.52 -22.74
C ILE B 369 -4.53 -30.23 -23.70
N ILE B 370 -5.26 -29.46 -24.49
CA ILE B 370 -6.13 -30.05 -25.50
C ILE B 370 -5.31 -30.83 -26.52
N GLY B 371 -4.18 -30.26 -26.94
CA GLY B 371 -3.30 -30.99 -27.84
C GLY B 371 -2.74 -32.24 -27.19
N MET B 372 -2.42 -32.17 -25.90
CA MET B 372 -1.90 -33.34 -25.18
C MET B 372 -2.93 -34.46 -25.16
N ILE B 373 -4.18 -34.13 -24.84
CA ILE B 373 -5.21 -35.17 -24.81
C ILE B 373 -5.51 -35.68 -26.22
N TRP B 374 -5.42 -34.81 -27.22
CA TRP B 374 -5.60 -35.24 -28.61
C TRP B 374 -4.54 -36.27 -28.98
N LEU B 375 -3.28 -35.98 -28.64
CA LEU B 375 -2.19 -36.93 -28.93
C LEU B 375 -2.36 -38.22 -28.15
N ARG B 376 -2.77 -38.12 -26.89
CA ARG B 376 -2.99 -39.33 -26.08
C ARG B 376 -4.11 -40.18 -26.66
N HIS B 377 -5.11 -39.55 -27.26
CA HIS B 377 -6.25 -40.30 -27.81
C HIS B 377 -5.91 -40.91 -29.16
N ARG B 378 -5.56 -40.07 -30.14
CA ARG B 378 -5.45 -40.53 -31.52
C ARG B 378 -4.08 -41.09 -31.88
N LYS B 379 -3.10 -40.99 -30.99
CA LYS B 379 -1.75 -41.50 -31.24
C LYS B 379 -1.31 -42.35 -30.05
N PRO B 380 -1.84 -43.57 -29.93
CA PRO B 380 -1.47 -44.47 -28.83
C PRO B 380 -0.23 -45.31 -29.15
N GLU B 381 0.82 -44.66 -29.62
CA GLU B 381 2.06 -45.33 -29.97
C GLU B 381 3.31 -44.73 -29.36
N LEU B 382 3.30 -43.44 -29.01
CA LEU B 382 4.47 -42.83 -28.39
C LEU B 382 4.69 -43.41 -27.01
N GLU B 383 5.97 -43.61 -26.66
CA GLU B 383 6.31 -44.16 -25.36
C GLU B 383 6.13 -43.10 -24.28
N ARG B 384 5.31 -43.40 -23.28
CA ARG B 384 4.99 -42.46 -22.21
C ARG B 384 5.46 -43.03 -20.88
N PRO B 385 6.63 -42.64 -20.39
CA PRO B 385 7.08 -43.13 -19.07
C PRO B 385 6.14 -42.76 -17.93
N ILE B 386 5.49 -41.61 -18.01
CA ILE B 386 4.58 -41.14 -16.98
C ILE B 386 3.19 -41.04 -17.57
N LYS B 387 2.20 -41.56 -16.86
CA LYS B 387 0.80 -41.49 -17.26
C LYS B 387 0.00 -40.86 -16.13
N VAL B 388 -0.83 -39.88 -16.47
CA VAL B 388 -1.62 -39.12 -15.50
C VAL B 388 -3.08 -39.56 -15.64
N ASN B 389 -3.73 -39.81 -14.50
CA ASN B 389 -5.13 -40.17 -14.51
C ASN B 389 -5.97 -39.03 -15.10
N LEU B 390 -7.02 -39.38 -15.81
CA LEU B 390 -7.85 -38.41 -16.51
C LEU B 390 -8.62 -37.54 -15.52
N ALA B 391 -9.39 -36.60 -16.08
CA ALA B 391 -10.25 -35.67 -15.35
C ALA B 391 -9.41 -34.62 -14.62
N LEU B 392 -8.10 -34.81 -14.58
CA LEU B 392 -7.18 -33.80 -14.09
C LEU B 392 -6.94 -32.76 -15.18
N PRO B 393 -6.57 -33.17 -16.41
CA PRO B 393 -6.58 -32.19 -17.51
C PRO B 393 -7.95 -31.60 -17.76
N VAL B 394 -9.02 -32.38 -17.58
CA VAL B 394 -10.37 -31.87 -17.79
C VAL B 394 -10.68 -30.76 -16.79
N PHE B 395 -10.33 -30.98 -15.52
CA PHE B 395 -10.53 -29.94 -14.52
C PHE B 395 -9.69 -28.71 -14.84
N PHE B 396 -8.46 -28.92 -15.33
CA PHE B 396 -7.63 -27.77 -15.69
C PHE B 396 -8.26 -26.95 -16.81
N ILE B 397 -8.75 -27.60 -17.86
CA ILE B 397 -9.33 -26.83 -18.95
C ILE B 397 -10.63 -26.18 -18.50
N LEU B 398 -11.42 -26.85 -17.66
CA LEU B 398 -12.65 -26.24 -17.17
C LEU B 398 -12.35 -24.97 -16.38
N ALA B 399 -11.32 -25.02 -15.53
CA ALA B 399 -10.88 -23.81 -14.83
C ALA B 399 -10.40 -22.75 -15.81
N CYS B 400 -9.74 -23.17 -16.89
CA CYS B 400 -9.26 -22.21 -17.88
C CYS B 400 -10.40 -21.48 -18.56
N LEU B 401 -11.45 -22.22 -18.97
CA LEU B 401 -12.60 -21.56 -19.57
C LEU B 401 -13.36 -20.72 -18.56
N PHE B 402 -13.42 -21.15 -17.30
CA PHE B 402 -14.06 -20.32 -16.28
C PHE B 402 -13.31 -19.00 -16.13
N LEU B 403 -11.99 -19.05 -16.14
CA LEU B 403 -11.18 -17.84 -16.05
C LEU B 403 -11.29 -16.98 -17.31
N ILE B 404 -11.44 -17.60 -18.47
CA ILE B 404 -11.48 -16.84 -19.72
C ILE B 404 -12.85 -16.25 -20.03
N ALA B 405 -13.92 -16.83 -19.48
CA ALA B 405 -15.25 -16.31 -19.77
C ALA B 405 -15.49 -14.96 -19.10
N VAL B 406 -14.97 -14.78 -17.89
CA VAL B 406 -15.16 -13.52 -17.19
C VAL B 406 -14.42 -12.40 -17.91
N SER B 407 -13.25 -12.70 -18.49
CA SER B 407 -12.50 -11.69 -19.22
C SER B 407 -13.24 -11.22 -20.45
N PHE B 408 -14.21 -11.97 -20.94
CA PHE B 408 -15.06 -11.56 -22.05
C PHE B 408 -16.36 -10.93 -21.58
N TRP B 409 -16.92 -11.41 -20.47
CA TRP B 409 -18.13 -10.81 -19.93
C TRP B 409 -17.88 -9.37 -19.52
N LYS B 410 -16.76 -9.11 -18.86
CA LYS B 410 -16.35 -7.77 -18.47
C LYS B 410 -15.22 -7.31 -19.38
N THR B 411 -14.90 -6.00 -19.26
CA THR B 411 -13.84 -5.29 -19.99
C THR B 411 -13.63 -5.82 -21.40
N PRO B 412 -14.67 -5.85 -22.24
CA PRO B 412 -14.53 -6.50 -23.54
C PRO B 412 -13.74 -5.69 -24.56
N VAL B 413 -13.89 -4.37 -24.54
CA VAL B 413 -13.16 -3.53 -25.50
C VAL B 413 -11.66 -3.59 -25.23
N GLU B 414 -11.28 -3.63 -23.95
CA GLU B 414 -9.87 -3.76 -23.60
C GLU B 414 -9.31 -5.12 -23.97
N CYS B 415 -10.16 -6.09 -24.27
CA CYS B 415 -9.69 -7.36 -24.80
C CYS B 415 -9.62 -7.32 -26.33
N GLY B 416 -10.63 -6.72 -26.96
CA GLY B 416 -10.60 -6.58 -28.41
C GLY B 416 -9.38 -5.80 -28.89
N ILE B 417 -9.05 -4.71 -28.20
CA ILE B 417 -7.71 -4.17 -28.32
C ILE B 417 -6.76 -5.12 -27.60
N GLY B 418 -5.60 -5.37 -28.20
CA GLY B 418 -4.79 -6.47 -27.75
C GLY B 418 -5.06 -7.73 -28.56
N PHE B 419 -6.32 -8.14 -28.66
CA PHE B 419 -6.65 -9.22 -29.60
C PHE B 419 -6.35 -8.79 -31.03
N THR B 420 -6.59 -7.52 -31.34
CA THR B 420 -6.19 -6.99 -32.64
C THR B 420 -4.66 -6.98 -32.76
N ILE B 421 -3.95 -6.86 -31.64
CA ILE B 421 -2.49 -6.85 -31.69
C ILE B 421 -1.96 -8.24 -32.00
N ILE B 422 -2.53 -9.28 -31.37
CA ILE B 422 -2.07 -10.64 -31.64
C ILE B 422 -2.33 -11.03 -33.08
N LEU B 423 -3.43 -10.52 -33.67
CA LEU B 423 -3.74 -10.85 -35.05
C LEU B 423 -2.83 -10.11 -36.02
N SER B 424 -2.12 -9.08 -35.56
CA SER B 424 -1.24 -8.29 -36.41
C SER B 424 0.00 -9.05 -36.87
N GLY B 425 0.24 -10.26 -36.35
CA GLY B 425 1.37 -11.05 -36.78
C GLY B 425 1.18 -11.77 -38.09
N LEU B 426 -0.03 -11.71 -38.67
CA LEU B 426 -0.25 -12.36 -39.97
C LEU B 426 0.59 -11.75 -41.09
N PRO B 427 0.64 -10.43 -41.29
CA PRO B 427 1.46 -9.90 -42.40
C PRO B 427 2.93 -10.24 -42.28
N VAL B 428 3.50 -10.12 -41.08
CA VAL B 428 4.93 -10.43 -40.92
C VAL B 428 5.18 -11.91 -41.13
N TYR B 429 4.26 -12.76 -40.68
CA TYR B 429 4.41 -14.20 -40.92
C TYR B 429 4.38 -14.50 -42.42
N PHE B 430 3.42 -13.93 -43.13
CA PHE B 430 3.32 -14.19 -44.56
C PHE B 430 4.51 -13.62 -45.33
N PHE B 431 5.10 -12.54 -44.82
CA PHE B 431 6.26 -11.96 -45.46
C PHE B 431 7.53 -12.77 -45.19
N GLY B 432 7.65 -13.35 -44.01
CA GLY B 432 8.91 -13.98 -43.63
C GLY B 432 8.98 -15.49 -43.67
N VAL B 433 7.85 -16.17 -43.73
CA VAL B 433 7.85 -17.63 -43.71
C VAL B 433 7.15 -18.18 -44.95
N TRP B 434 5.88 -17.81 -45.12
CA TRP B 434 5.11 -18.35 -46.24
C TRP B 434 5.69 -17.91 -47.57
N TRP B 435 6.15 -16.66 -47.66
CA TRP B 435 6.67 -16.14 -48.92
C TRP B 435 7.93 -16.89 -49.34
N LYS B 436 8.04 -17.10 -50.64
CA LYS B 436 9.20 -17.76 -51.23
C LYS B 436 9.46 -17.13 -52.58
N ASN B 437 10.67 -17.35 -53.10
CA ASN B 437 11.13 -16.73 -54.34
C ASN B 437 10.99 -15.21 -54.28
N LYS B 438 11.39 -14.65 -53.15
CA LYS B 438 11.38 -13.21 -52.95
C LYS B 438 12.41 -12.55 -53.87
N PRO B 439 12.27 -11.26 -54.14
CA PRO B 439 13.24 -10.57 -54.99
C PRO B 439 14.66 -10.72 -54.44
N LYS B 440 15.61 -10.93 -55.36
CA LYS B 440 16.92 -11.40 -54.93
C LYS B 440 17.67 -10.34 -54.12
N TRP B 441 17.40 -9.05 -54.38
CA TRP B 441 18.17 -7.99 -53.74
C TRP B 441 18.08 -8.07 -52.22
N LEU B 442 16.93 -8.52 -51.71
CA LEU B 442 16.83 -8.78 -50.28
C LEU B 442 17.66 -9.98 -49.87
N LEU B 443 17.78 -10.98 -50.75
CA LEU B 443 18.43 -12.23 -50.37
C LEU B 443 19.92 -12.02 -50.06
N GLN B 444 20.68 -11.40 -50.98
CA GLN B 444 22.08 -11.19 -50.67
C GLN B 444 22.25 -10.15 -49.57
N GLY B 445 21.30 -9.24 -49.41
CA GLY B 445 21.37 -8.29 -48.30
C GLY B 445 21.31 -8.97 -46.95
N ILE B 446 20.32 -9.85 -46.75
CA ILE B 446 20.21 -10.56 -45.48
C ILE B 446 21.36 -11.55 -45.33
N PHE B 447 21.81 -12.16 -46.44
CA PHE B 447 22.96 -13.05 -46.37
C PHE B 447 24.21 -12.30 -45.92
N SER B 448 24.43 -11.09 -46.46
CA SER B 448 25.59 -10.30 -46.08
C SER B 448 25.49 -9.84 -44.63
N THR B 449 24.30 -9.45 -44.18
CA THR B 449 24.12 -9.08 -42.78
C THR B 449 24.40 -10.25 -41.86
N THR B 450 23.91 -11.45 -42.22
CA THR B 450 24.16 -12.63 -41.41
C THR B 450 25.65 -12.97 -41.40
N VAL B 451 26.32 -12.84 -42.54
CA VAL B 451 27.76 -13.12 -42.58
C VAL B 451 28.53 -12.10 -41.74
N LEU B 452 28.11 -10.84 -41.78
CA LEU B 452 28.76 -9.81 -40.97
C LEU B 452 28.62 -10.11 -39.49
N CYS B 453 27.41 -10.49 -39.06
CA CYS B 453 27.22 -10.86 -37.66
C CYS B 453 28.02 -12.11 -37.32
N GLN B 454 28.06 -13.07 -38.24
CA GLN B 454 28.84 -14.29 -38.06
C GLN B 454 30.30 -13.97 -37.77
N LYS B 455 30.89 -13.11 -38.60
CA LYS B 455 32.29 -12.74 -38.42
C LYS B 455 32.49 -11.91 -37.17
N LEU B 456 31.56 -11.00 -36.88
CA LEU B 456 31.71 -10.11 -35.72
C LEU B 456 31.68 -10.90 -34.42
N MET B 457 30.78 -11.87 -34.30
CA MET B 457 30.62 -12.61 -33.06
C MET B 457 31.33 -13.95 -33.05
N GLN B 458 31.80 -14.42 -34.20
CA GLN B 458 32.59 -15.65 -34.31
C GLN B 458 31.83 -16.83 -33.69
N VAL B 459 30.72 -17.19 -34.34
CA VAL B 459 29.88 -18.29 -33.90
C VAL B 459 29.82 -19.33 -35.02
N VAL B 460 29.14 -20.43 -34.72
CA VAL B 460 29.07 -21.57 -35.65
C VAL B 460 27.61 -21.97 -35.86
N PRO B 461 27.21 -22.37 -37.08
CA PRO B 461 25.86 -22.91 -37.27
C PRO B 461 25.69 -24.22 -36.53
N GLN B 462 24.42 -24.52 -36.22
CA GLN B 462 24.06 -25.76 -35.50
C GLN B 462 24.20 -26.92 -36.47
N GLU B 463 25.42 -27.45 -36.55
CA GLU B 463 25.68 -28.59 -37.42
C GLU B 463 25.06 -29.86 -36.85
N THR B 464 25.19 -30.08 -35.55
CA THR B 464 24.58 -31.22 -34.88
C THR B 464 23.96 -30.79 -33.56
C1 NAG C . -34.18 18.31 8.52
C2 NAG C . -35.39 18.90 7.85
C3 NAG C . -36.21 19.66 8.88
C4 NAG C . -35.39 20.75 9.54
C5 NAG C . -33.98 20.31 9.96
C6 NAG C . -33.92 19.74 11.36
C7 NAG C . -35.64 19.84 5.59
C8 NAG C . -36.80 18.91 5.43
N2 NAG C . -35.00 19.79 6.77
O3 NAG C . -36.69 18.75 9.86
O4 NAG C . -35.29 21.88 8.67
O5 NAG C . -33.37 19.36 9.07
O6 NAG C . -32.82 18.84 11.50
O7 NAG C . -35.28 20.60 4.70
C1 NAG C . -36.61 22.34 8.32
C2 NAG C . -37.06 23.41 9.32
C3 NAG C . -37.20 24.77 8.64
C4 NAG C . -38.13 24.71 7.43
C5 NAG C . -37.89 23.43 6.64
C6 NAG C . -37.87 23.65 5.15
C7 NAG C . -38.36 22.41 11.14
C8 NAG C . -39.75 22.10 11.66
N2 NAG C . -38.31 23.03 9.97
O3 NAG C . -35.91 25.24 8.24
O4 NAG C . -39.49 24.74 7.86
O5 NAG C . -36.62 22.88 7.00
O6 NAG C . -36.54 23.67 4.65
O7 NAG C . -37.36 22.12 11.78
C1 NAG D . 10.27 17.74 37.95
C2 NAG D . 10.90 17.92 39.32
C3 NAG D . 12.35 17.44 39.30
C4 NAG D . 12.99 17.64 37.92
C5 NAG D . 12.17 16.93 36.83
C6 NAG D . 12.79 15.61 36.40
C7 NAG D . 9.72 19.84 40.29
C8 NAG D . 9.82 21.28 40.69
N2 NAG D . 10.82 19.30 39.76
O3 NAG D . 12.41 16.07 39.66
O4 NAG D . 13.09 19.03 37.64
O5 NAG D . 10.85 16.64 37.29
O6 NAG D . 12.45 14.57 37.31
O7 NAG D . 8.69 19.19 40.44
C1 NAG D . 13.30 19.31 36.24
C2 NAG D . 12.27 20.38 35.80
C3 NAG D . 12.94 21.73 35.62
C4 NAG D . 13.95 21.96 36.74
C5 NAG D . 15.11 20.99 36.57
C6 NAG D . 15.77 20.60 37.87
C7 NAG D . 10.27 19.99 34.41
C8 NAG D . 9.48 20.47 35.59
N2 NAG D . 11.61 19.97 34.58
O3 NAG D . 11.96 22.76 35.65
O4 NAG D . 14.44 23.29 36.69
O5 NAG D . 14.66 19.77 35.94
O6 NAG D . 14.82 20.55 38.94
O7 NAG D . 9.73 19.65 33.36
C1 NAG E . -15.63 32.38 33.92
C2 NAG E . -14.74 33.62 33.83
C3 NAG E . -15.52 34.88 34.26
C4 NAG E . -16.29 34.64 35.55
C5 NAG E . -17.14 33.38 35.46
C6 NAG E . -18.62 33.64 35.63
C7 NAG E . -12.32 33.82 34.20
C8 NAG E . -12.25 34.41 32.82
N2 NAG E . -13.54 33.47 34.62
O3 NAG E . -16.40 35.27 33.22
O4 NAG E . -15.40 34.52 36.65
O5 NAG E . -16.98 32.77 34.17
O6 NAG E . -18.93 35.00 35.37
O7 NAG E . -11.32 33.67 34.89
C1 NAG E . -15.29 35.80 37.31
C2 NAG E . -16.37 35.88 38.40
C3 NAG E . -15.74 35.94 39.79
C4 NAG E . -14.73 37.09 39.90
C5 NAG E . -13.89 37.18 38.64
C6 NAG E . -12.42 37.39 38.92
C7 NAG E . -18.57 36.96 38.30
C8 NAG E . -19.15 35.62 38.67
N2 NAG E . -17.24 37.02 38.18
O3 NAG E . -15.09 34.70 40.08
O4 NAG E . -15.42 38.32 40.10
O5 NAG E . -14.00 35.96 37.90
O6 NAG E . -11.61 36.58 38.07
O7 NAG E . -19.28 37.95 38.10
C1 NAG F . 4.52 38.33 16.05
C2 NAG F . 5.99 38.16 16.49
C3 NAG F . 6.92 38.07 15.28
C4 NAG F . 6.17 37.51 14.08
C5 NAG F . 5.10 38.49 13.64
C6 NAG F . 4.00 37.85 12.82
C7 NAG F . 6.80 39.08 18.62
C8 NAG F . 6.82 37.66 19.12
N2 NAG F . 6.40 39.25 17.36
O3 NAG F . 8.02 37.24 15.60
O4 NAG F . 7.06 37.26 13.00
O5 NAG F . 4.46 39.08 14.79
O6 NAG F . 4.49 36.73 12.09
O7 NAG F . 7.13 40.03 19.33
C1 NAG F . 7.77 38.45 12.61
C2 NAG F . 9.29 38.19 12.59
C3 NAG F . 9.69 37.22 11.48
C4 NAG F . 8.66 37.22 10.35
C5 NAG F . 8.12 38.63 10.16
C6 NAG F . 7.23 38.76 8.95
C7 NAG F . 10.69 39.98 13.54
C8 NAG F . 10.59 39.24 14.84
N2 NAG F . 10.06 39.43 12.50
O3 NAG F . 9.82 35.91 12.01
O4 NAG F . 9.26 36.78 9.14
O5 NAG F . 7.33 38.99 11.30
O6 NAG F . 6.16 37.83 8.98
O7 NAG F . 11.32 41.02 13.43
N LEU G . 7.71 -15.59 -9.69
CA LEU G . 8.09 -14.36 -10.37
C LEU G . 8.22 -13.22 -9.35
O LEU G . 9.21 -12.46 -9.40
CB LEU G . 7.02 -14.00 -11.38
CG LEU G . 7.48 -14.43 -12.77
CD1 LEU G . 6.29 -14.53 -13.69
CD2 LEU G . 8.46 -13.39 -13.32
OXT LEU G . 7.33 -13.06 -8.47
#